data_7R38
#
_entry.id   7R38
#
_cell.length_a   111.683
_cell.length_b   111.683
_cell.length_c   121.599
_cell.angle_alpha   90.000
_cell.angle_beta   90.000
_cell.angle_gamma   90.000
#
_symmetry.space_group_name_H-M   'P 42 21 2'
#
loop_
_entity.id
_entity.type
_entity.pdbx_description
1 polymer Adenosylhomocysteinase
2 non-polymer '(2S)-2-AMINO-4-({[(2S,3S,4R,5R)-3,4-DIHYDROXY-5-(6-OXO-1,6-DIHYDRO-9H-PURIN-9-YL)TETRAHYDROFURAN-2-YL]METHYL}THIO)BUTANOIC ACID'
3 non-polymer NICOTINAMIDE-ADENINE-DINUCLEOTIDE
4 water water
#
_entity_poly.entity_id   1
_entity_poly.type   'polypeptide(L)'
_entity_poly.pdbx_seq_one_letter_code
;MGSSHHHHHHSSGLVPRGSHMDCGKDYCVKDLSLAEEGWKKIDWVSRFMPVLQYIKREFEEKKPFKGVRIAATLHLEMKT
AFLLLTLKAGGAEVSAAASNPLSTQDDVVAALAKAGVKVYAIRGESREQYYEFMHKALDIRPNIIIDDGADMISLVHKER
QEMLDEIWGGSEETTTGVIRLRAMEKAGILKFPVIAVNDSYMKYLFDNRYGTGQSTWDGIMRATNLLIAGKNVVVVGYGW
CGRGIAMRARGLGATVIVVEVDPIKALEARMDGFLVMDMKEAAKIGDIFVTATGNIKCIRREHFELMKDGAIMANAGHFD
VEIWKPDLEKLAVEINNPRPNVTEYKLKDGRRLYLLADGRLVNLVAADGHPAEIMDMSFALQAKAAEYIKDNHERLEPKV
YILPREIDEMVARIKLESMGIKIEELTEEQKKYLESWEHGT
;
_entity_poly.pdbx_strand_id   A,B
#
# COMPACT_ATOMS: atom_id res chain seq x y z
N MET A 21 -18.59 -5.03 -24.27
CA MET A 21 -19.88 -4.39 -24.52
C MET A 21 -19.75 -3.33 -25.60
N ASP A 22 -18.87 -2.35 -25.37
CA ASP A 22 -18.48 -1.39 -26.41
C ASP A 22 -17.38 -2.06 -27.22
N CYS A 23 -17.77 -2.79 -28.26
CA CYS A 23 -16.89 -3.75 -28.92
C CYS A 23 -17.15 -3.70 -30.41
N GLY A 24 -16.14 -3.30 -31.18
CA GLY A 24 -16.27 -3.16 -32.63
C GLY A 24 -14.98 -3.51 -33.31
N LYS A 25 -14.80 -2.99 -34.53
CA LYS A 25 -13.58 -3.27 -35.29
C LYS A 25 -12.37 -2.59 -34.68
N ASP A 26 -12.53 -1.39 -34.11
CA ASP A 26 -11.40 -0.61 -33.65
C ASP A 26 -11.03 -0.86 -32.20
N TYR A 27 -11.92 -1.45 -31.40
CA TYR A 27 -11.62 -1.67 -29.99
C TYR A 27 -12.66 -2.62 -29.41
N CYS A 28 -12.35 -3.14 -28.22
CA CYS A 28 -13.32 -3.90 -27.43
C CYS A 28 -13.04 -3.58 -25.97
N VAL A 29 -13.90 -2.76 -25.36
CA VAL A 29 -13.71 -2.28 -24.00
C VAL A 29 -15.01 -2.51 -23.23
N LYS A 30 -14.91 -2.46 -21.89
CA LYS A 30 -16.08 -2.73 -21.07
C LYS A 30 -17.10 -1.61 -21.17
N ASP A 31 -16.65 -0.35 -21.12
CA ASP A 31 -17.56 0.78 -21.04
C ASP A 31 -16.84 2.07 -21.40
N LEU A 32 -17.16 2.64 -22.56
CA LEU A 32 -16.50 3.86 -23.00
C LEU A 32 -16.78 5.05 -22.08
N SER A 33 -17.88 5.03 -21.33
CA SER A 33 -18.21 6.13 -20.43
C SER A 33 -17.27 6.23 -19.24
N LEU A 34 -16.37 5.25 -19.07
CA LEU A 34 -15.36 5.31 -18.03
C LEU A 34 -14.12 6.10 -18.44
N ALA A 35 -14.14 6.70 -19.63
CA ALA A 35 -12.92 7.28 -20.20
C ALA A 35 -12.44 8.48 -19.40
N GLU A 36 -13.36 9.29 -18.87
CA GLU A 36 -12.96 10.51 -18.17
C GLU A 36 -12.06 10.19 -16.98
N GLU A 37 -12.39 9.14 -16.22
CA GLU A 37 -11.55 8.74 -15.10
C GLU A 37 -10.23 8.17 -15.59
N GLY A 38 -10.25 7.46 -16.72
CA GLY A 38 -9.01 6.95 -17.29
C GLY A 38 -8.08 8.06 -17.74
N TRP A 39 -8.63 9.10 -18.37
CA TRP A 39 -7.81 10.24 -18.78
C TRP A 39 -7.13 10.89 -17.58
N LYS A 40 -7.85 10.99 -16.45
CA LYS A 40 -7.27 11.62 -15.26
C LYS A 40 -6.11 10.80 -14.72
N LYS A 41 -6.26 9.47 -14.69
CA LYS A 41 -5.16 8.61 -14.27
C LYS A 41 -3.96 8.77 -15.18
N ILE A 42 -4.20 8.85 -16.49
CA ILE A 42 -3.10 8.99 -17.45
C ILE A 42 -2.40 10.32 -17.25
N ASP A 43 -3.16 11.40 -17.11
CA ASP A 43 -2.56 12.71 -16.88
C ASP A 43 -1.78 12.74 -15.57
N TRP A 44 -2.29 12.09 -14.53
CA TRP A 44 -1.65 12.14 -13.21
C TRP A 44 -0.25 11.54 -13.26
N VAL A 45 -0.15 10.26 -13.64
CA VAL A 45 1.15 9.59 -13.61
C VAL A 45 2.13 10.22 -14.60
N SER A 46 1.60 10.77 -15.71
CA SER A 46 2.47 11.38 -16.70
C SER A 46 3.20 12.61 -16.17
N ARG A 47 2.65 13.25 -15.13
CA ARG A 47 3.33 14.37 -14.50
C ARG A 47 4.62 13.95 -13.80
N PHE A 48 4.77 12.66 -13.48
CA PHE A 48 5.91 12.16 -12.74
C PHE A 48 6.74 11.19 -13.58
N MET A 49 6.70 11.34 -14.91
CA MET A 49 7.41 10.47 -15.83
C MET A 49 8.31 11.32 -16.72
N PRO A 50 9.34 11.95 -16.14
CA PRO A 50 10.09 12.95 -16.91
C PRO A 50 10.90 12.37 -18.07
N VAL A 51 11.38 11.14 -17.98
CA VAL A 51 12.20 10.59 -19.05
C VAL A 51 11.34 10.30 -20.29
N LEU A 52 10.17 9.69 -20.08
CA LEU A 52 9.27 9.46 -21.20
C LEU A 52 8.71 10.77 -21.74
N GLN A 53 8.50 11.77 -20.87
CA GLN A 53 8.10 13.09 -21.35
C GLN A 53 9.18 13.70 -22.23
N TYR A 54 10.44 13.57 -21.83
CA TYR A 54 11.56 14.02 -22.66
C TYR A 54 11.52 13.36 -24.03
N ILE A 55 11.32 12.04 -24.06
CA ILE A 55 11.29 11.31 -25.31
C ILE A 55 10.08 11.71 -26.14
N LYS A 56 8.93 11.92 -25.48
CA LYS A 56 7.71 12.27 -26.19
C LYS A 56 7.85 13.61 -26.92
N ARG A 57 8.56 14.56 -26.30
CA ARG A 57 8.80 15.84 -26.95
C ARG A 57 9.60 15.68 -28.23
N GLU A 58 10.60 14.80 -28.21
CA GLU A 58 11.34 14.49 -29.43
C GLU A 58 10.45 13.83 -30.46
N PHE A 59 9.65 12.84 -30.03
CA PHE A 59 8.78 12.14 -30.97
C PHE A 59 7.80 13.08 -31.63
N GLU A 60 7.23 14.01 -30.87
CA GLU A 60 6.29 14.98 -31.44
C GLU A 60 6.98 15.88 -32.46
N GLU A 61 8.29 16.13 -32.28
CA GLU A 61 9.00 17.02 -33.19
C GLU A 61 9.42 16.30 -34.47
N LYS A 62 9.92 15.07 -34.34
CA LYS A 62 10.47 14.36 -35.49
C LYS A 62 9.49 13.37 -36.12
N LYS A 63 8.43 12.99 -35.42
CA LYS A 63 7.48 11.99 -35.88
C LYS A 63 8.16 10.76 -36.48
N PRO A 64 9.03 10.09 -35.71
CA PRO A 64 9.82 8.99 -36.29
C PRO A 64 8.99 7.77 -36.65
N PHE A 65 7.78 7.62 -36.11
CA PHE A 65 6.95 6.45 -36.35
C PHE A 65 5.82 6.74 -37.34
N LYS A 66 5.97 7.79 -38.15
CA LYS A 66 4.97 8.10 -39.17
C LYS A 66 4.86 6.94 -40.15
N GLY A 67 3.63 6.45 -40.34
CA GLY A 67 3.39 5.31 -41.22
C GLY A 67 3.74 3.96 -40.63
N VAL A 68 4.17 3.91 -39.38
CA VAL A 68 4.57 2.68 -38.72
C VAL A 68 3.42 2.19 -37.85
N ARG A 69 3.17 0.88 -37.89
CA ARG A 69 2.12 0.24 -37.10
C ARG A 69 2.76 -0.57 -35.97
N ILE A 70 2.24 -0.41 -34.76
CA ILE A 70 2.80 -1.03 -33.57
C ILE A 70 1.69 -1.76 -32.82
N ALA A 71 1.93 -3.01 -32.46
CA ALA A 71 1.03 -3.80 -31.64
C ALA A 71 1.71 -4.14 -30.32
N ALA A 72 1.04 -3.84 -29.22
CA ALA A 72 1.61 -3.98 -27.89
C ALA A 72 0.78 -4.92 -27.04
N THR A 73 1.45 -5.77 -26.27
CA THR A 73 0.81 -6.58 -25.24
C THR A 73 1.47 -6.18 -23.91
N LEU A 74 0.76 -5.38 -23.13
CA LEU A 74 1.29 -4.80 -21.91
C LEU A 74 0.19 -4.81 -20.85
N HIS A 75 0.58 -4.58 -19.61
CA HIS A 75 -0.40 -4.39 -18.54
C HIS A 75 -1.09 -3.05 -18.72
N LEU A 76 -2.39 -3.08 -18.99
CA LEU A 76 -3.09 -1.89 -19.50
C LEU A 76 -3.61 -1.03 -18.36
N GLU A 77 -2.67 -0.38 -17.70
CA GLU A 77 -2.95 0.68 -16.74
C GLU A 77 -2.38 2.00 -17.29
N MET A 78 -2.37 3.03 -16.44
CA MET A 78 -2.19 4.39 -16.95
C MET A 78 -0.76 4.69 -17.40
N LYS A 79 0.25 4.04 -16.80
CA LYS A 79 1.61 4.26 -17.30
C LYS A 79 1.80 3.62 -18.66
N THR A 80 1.25 2.42 -18.86
CA THR A 80 1.26 1.81 -20.19
C THR A 80 0.56 2.70 -21.20
N ALA A 81 -0.60 3.24 -20.81
CA ALA A 81 -1.34 4.11 -21.72
C ALA A 81 -0.52 5.31 -22.15
N PHE A 82 0.26 5.89 -21.22
CA PHE A 82 1.08 7.04 -21.58
C PHE A 82 2.19 6.66 -22.56
N LEU A 83 2.73 5.45 -22.44
CA LEU A 83 3.71 5.00 -23.43
C LEU A 83 3.05 4.83 -24.80
N LEU A 84 1.86 4.24 -24.84
CA LEU A 84 1.17 4.05 -26.11
C LEU A 84 0.82 5.39 -26.74
N LEU A 85 0.36 6.34 -25.94
CA LEU A 85 0.07 7.67 -26.47
C LEU A 85 1.35 8.39 -26.88
N THR A 86 2.46 8.11 -26.20
CA THR A 86 3.75 8.65 -26.63
C THR A 86 4.15 8.10 -27.99
N LEU A 87 3.99 6.79 -28.17
CA LEU A 87 4.22 6.18 -29.48
C LEU A 87 3.30 6.77 -30.54
N LYS A 88 2.06 7.06 -30.16
CA LYS A 88 1.13 7.67 -31.11
C LYS A 88 1.53 9.10 -31.43
N ALA A 89 1.98 9.85 -30.42
CA ALA A 89 2.46 11.21 -30.65
C ALA A 89 3.67 11.23 -31.58
N GLY A 90 4.39 10.12 -31.69
CA GLY A 90 5.45 9.96 -32.65
C GLY A 90 5.00 9.55 -34.04
N GLY A 91 3.69 9.39 -34.25
CA GLY A 91 3.14 9.08 -35.55
C GLY A 91 2.67 7.65 -35.71
N ALA A 92 2.87 6.79 -34.71
CA ALA A 92 2.55 5.39 -34.85
C ALA A 92 1.05 5.16 -34.84
N GLU A 93 0.62 4.13 -35.57
CA GLU A 93 -0.69 3.54 -35.40
C GLU A 93 -0.55 2.37 -34.42
N VAL A 94 -1.28 2.43 -33.31
CA VAL A 94 -1.05 1.56 -32.15
C VAL A 94 -2.28 0.71 -31.90
N SER A 95 -2.06 -0.59 -31.78
CA SER A 95 -3.03 -1.53 -31.22
C SER A 95 -2.48 -2.08 -29.92
N ALA A 96 -3.38 -2.58 -29.06
CA ALA A 96 -2.97 -3.01 -27.75
C ALA A 96 -3.86 -4.14 -27.25
N ALA A 97 -3.24 -5.11 -26.57
CA ALA A 97 -3.95 -6.17 -25.87
C ALA A 97 -3.35 -6.31 -24.47
N ALA A 98 -4.11 -6.93 -23.59
CA ALA A 98 -3.67 -7.07 -22.21
C ALA A 98 -2.56 -8.12 -22.09
N SER A 99 -1.59 -7.85 -21.22
CA SER A 99 -0.58 -8.84 -20.88
C SER A 99 -1.04 -9.79 -19.78
N ASN A 100 -2.15 -9.49 -19.11
CA ASN A 100 -2.69 -10.29 -18.06
C ASN A 100 -4.17 -9.99 -18.01
N PRO A 101 -5.03 -11.01 -18.00
CA PRO A 101 -6.48 -10.75 -18.03
C PRO A 101 -6.99 -9.98 -16.83
N LEU A 102 -6.27 -9.96 -15.71
CA LEU A 102 -6.75 -9.35 -14.48
C LEU A 102 -6.09 -8.01 -14.17
N SER A 103 -5.07 -7.60 -14.92
CA SER A 103 -4.37 -6.34 -14.64
C SER A 103 -4.95 -5.16 -15.40
N THR A 104 -5.81 -5.40 -16.39
CA THR A 104 -6.42 -4.31 -17.15
C THR A 104 -7.24 -3.41 -16.24
N GLN A 105 -7.12 -2.10 -16.46
CA GLN A 105 -7.94 -1.12 -15.76
C GLN A 105 -8.92 -0.54 -16.77
N ASP A 106 -10.21 -0.82 -16.57
CA ASP A 106 -11.21 -0.58 -17.61
C ASP A 106 -11.31 0.90 -17.97
N ASP A 107 -11.18 1.79 -16.98
CA ASP A 107 -11.30 3.22 -17.27
C ASP A 107 -10.13 3.71 -18.11
N VAL A 108 -8.93 3.20 -17.83
CA VAL A 108 -7.76 3.57 -18.64
C VAL A 108 -7.95 3.10 -20.07
N VAL A 109 -8.53 1.91 -20.25
CA VAL A 109 -8.67 1.34 -21.58
C VAL A 109 -9.74 2.08 -22.38
N ALA A 110 -10.77 2.59 -21.71
CA ALA A 110 -11.76 3.40 -22.40
C ALA A 110 -11.14 4.69 -22.93
N ALA A 111 -10.26 5.31 -22.13
CA ALA A 111 -9.56 6.51 -22.58
C ALA A 111 -8.67 6.21 -23.78
N LEU A 112 -7.99 5.06 -23.77
CA LEU A 112 -7.18 4.66 -24.90
C LEU A 112 -8.03 4.51 -26.16
N ALA A 113 -9.21 3.91 -26.02
CA ALA A 113 -10.10 3.76 -27.16
C ALA A 113 -10.57 5.12 -27.68
N LYS A 114 -10.84 6.06 -26.76
CA LYS A 114 -11.22 7.40 -27.16
C LYS A 114 -10.08 8.12 -27.87
N ALA A 115 -8.83 7.73 -27.59
CA ALA A 115 -7.68 8.39 -28.16
C ALA A 115 -7.32 7.87 -29.56
N GLY A 116 -7.96 6.81 -30.02
CA GLY A 116 -7.65 6.22 -31.30
C GLY A 116 -6.74 5.01 -31.24
N VAL A 117 -6.33 4.59 -30.05
CA VAL A 117 -5.57 3.35 -29.90
C VAL A 117 -6.53 2.18 -30.05
N LYS A 118 -6.15 1.21 -30.88
CA LYS A 118 -6.98 0.04 -31.14
C LYS A 118 -6.73 -0.98 -30.03
N VAL A 119 -7.40 -0.76 -28.90
CA VAL A 119 -7.18 -1.55 -27.69
C VAL A 119 -8.32 -2.55 -27.54
N TYR A 120 -7.97 -3.79 -27.21
CA TYR A 120 -8.94 -4.88 -27.04
C TYR A 120 -8.65 -5.53 -25.68
N ALA A 121 -9.38 -5.09 -24.65
CA ALA A 121 -9.14 -5.59 -23.30
C ALA A 121 -10.29 -5.28 -22.37
N ILE A 122 -10.71 -6.26 -21.58
CA ILE A 122 -11.71 -6.10 -20.53
C ILE A 122 -11.18 -6.78 -19.28
N ARG A 123 -11.18 -6.06 -18.16
CA ARG A 123 -10.72 -6.64 -16.91
C ARG A 123 -11.53 -7.89 -16.58
N GLY A 124 -10.84 -8.95 -16.20
CA GLY A 124 -11.49 -10.21 -15.89
C GLY A 124 -11.85 -11.06 -17.09
N GLU A 125 -11.36 -10.71 -18.28
CA GLU A 125 -11.66 -11.50 -19.47
C GLU A 125 -11.16 -12.92 -19.33
N SER A 126 -11.79 -13.83 -20.06
CA SER A 126 -11.38 -15.23 -20.02
C SER A 126 -10.04 -15.42 -20.73
N ARG A 127 -9.48 -16.62 -20.58
CA ARG A 127 -8.25 -16.94 -21.31
C ARG A 127 -8.51 -16.93 -22.81
N GLU A 128 -9.67 -17.43 -23.24
CA GLU A 128 -9.96 -17.47 -24.67
C GLU A 128 -10.19 -16.07 -25.23
N GLN A 129 -10.84 -15.18 -24.46
CA GLN A 129 -10.95 -13.79 -24.88
C GLN A 129 -9.58 -13.11 -24.88
N TYR A 130 -8.75 -13.45 -23.90
CA TYR A 130 -7.39 -12.91 -23.84
C TYR A 130 -6.65 -13.14 -25.16
N TYR A 131 -6.83 -14.32 -25.75
CA TYR A 131 -6.19 -14.62 -27.02
C TYR A 131 -7.00 -14.10 -28.21
N GLU A 132 -8.33 -14.12 -28.10
CA GLU A 132 -9.15 -13.52 -29.14
C GLU A 132 -8.84 -12.02 -29.27
N PHE A 133 -8.62 -11.35 -28.15
CA PHE A 133 -8.26 -9.94 -28.19
C PHE A 133 -6.84 -9.74 -28.71
N MET A 134 -5.92 -10.62 -28.31
CA MET A 134 -4.56 -10.54 -28.82
C MET A 134 -4.52 -10.68 -30.34
N HIS A 135 -5.35 -11.57 -30.89
CA HIS A 135 -5.45 -11.70 -32.33
C HIS A 135 -5.97 -10.41 -32.96
N LYS A 136 -6.95 -9.77 -32.32
CA LYS A 136 -7.51 -8.53 -32.85
C LYS A 136 -6.46 -7.42 -32.86
N ALA A 137 -5.63 -7.36 -31.83
CA ALA A 137 -4.53 -6.40 -31.83
C ALA A 137 -3.55 -6.69 -32.95
N LEU A 138 -3.32 -7.97 -33.25
CA LEU A 138 -2.41 -8.36 -34.31
C LEU A 138 -2.97 -8.03 -35.69
N ASP A 139 -4.29 -7.84 -35.81
CA ASP A 139 -4.90 -7.57 -37.10
C ASP A 139 -4.39 -6.28 -37.73
N ILE A 140 -3.78 -5.40 -36.93
CA ILE A 140 -3.18 -4.18 -37.47
C ILE A 140 -2.00 -4.47 -38.38
N ARG A 141 -1.52 -5.72 -38.42
CA ARG A 141 -0.35 -6.13 -39.17
C ARG A 141 0.84 -5.29 -38.74
N PRO A 142 1.34 -5.48 -37.53
CA PRO A 142 2.33 -4.54 -36.97
C PRO A 142 3.68 -4.64 -37.65
N ASN A 143 4.36 -3.50 -37.75
CA ASN A 143 5.78 -3.50 -38.08
C ASN A 143 6.62 -3.85 -36.85
N ILE A 144 6.18 -3.40 -35.68
CA ILE A 144 6.90 -3.62 -34.43
C ILE A 144 5.92 -4.20 -33.42
N ILE A 145 6.36 -5.23 -32.69
CA ILE A 145 5.59 -5.84 -31.62
C ILE A 145 6.28 -5.49 -30.30
N ILE A 146 5.51 -4.94 -29.37
CA ILE A 146 5.99 -4.67 -28.01
C ILE A 146 5.28 -5.65 -27.08
N ASP A 147 6.05 -6.49 -26.41
CA ASP A 147 5.48 -7.62 -25.70
C ASP A 147 5.91 -7.62 -24.24
N ASP A 148 5.08 -8.25 -23.41
CA ASP A 148 5.35 -8.40 -21.98
C ASP A 148 4.95 -9.83 -21.62
N GLY A 149 5.92 -10.73 -21.61
CA GLY A 149 5.68 -12.14 -21.35
C GLY A 149 5.80 -13.02 -22.57
N ALA A 150 5.94 -12.44 -23.76
CA ALA A 150 6.18 -13.11 -25.04
C ALA A 150 4.96 -13.86 -25.56
N ASP A 151 3.77 -13.62 -24.99
CA ASP A 151 2.57 -14.27 -25.51
C ASP A 151 2.30 -13.86 -26.96
N MET A 152 2.40 -12.57 -27.26
CA MET A 152 2.07 -12.07 -28.59
C MET A 152 3.10 -12.54 -29.62
N ILE A 153 4.39 -12.44 -29.30
CA ILE A 153 5.42 -12.91 -30.22
C ILE A 153 5.26 -14.41 -30.47
N SER A 154 4.98 -15.17 -29.42
CA SER A 154 4.73 -16.60 -29.59
C SER A 154 3.46 -16.86 -30.39
N LEU A 155 2.41 -16.07 -30.15
CA LEU A 155 1.15 -16.26 -30.86
C LEU A 155 1.33 -16.05 -32.36
N VAL A 156 2.16 -15.07 -32.74
CA VAL A 156 2.40 -14.81 -34.15
C VAL A 156 3.09 -16.02 -34.79
N HIS A 157 4.08 -16.59 -34.11
CA HIS A 157 4.83 -17.70 -34.68
C HIS A 157 3.99 -18.97 -34.75
N LYS A 158 3.01 -19.13 -33.85
CA LYS A 158 2.15 -20.30 -33.84
C LYS A 158 0.98 -20.18 -34.82
N GLU A 159 0.24 -19.07 -34.75
CA GLU A 159 -1.08 -18.98 -35.36
C GLU A 159 -1.22 -17.86 -36.39
N ARG A 160 -0.22 -17.00 -36.56
CA ARG A 160 -0.26 -15.93 -37.55
C ARG A 160 1.02 -15.88 -38.36
N GLN A 161 1.51 -17.05 -38.80
CA GLN A 161 2.76 -17.12 -39.54
C GLN A 161 2.69 -16.37 -40.86
N GLU A 162 1.48 -16.18 -41.42
CA GLU A 162 1.32 -15.44 -42.68
C GLU A 162 1.83 -14.01 -42.59
N MET A 163 2.09 -13.50 -41.39
CA MET A 163 2.39 -12.11 -41.15
C MET A 163 3.85 -11.88 -40.75
N LEU A 164 4.63 -12.96 -40.62
CA LEU A 164 5.98 -12.88 -40.06
C LEU A 164 6.87 -11.94 -40.86
N ASP A 165 6.90 -12.09 -42.19
CA ASP A 165 7.83 -11.32 -43.01
C ASP A 165 7.54 -9.82 -42.96
N GLU A 166 6.34 -9.43 -42.54
CA GLU A 166 5.98 -8.03 -42.42
C GLU A 166 6.44 -7.40 -41.12
N ILE A 167 6.85 -8.21 -40.15
CA ILE A 167 7.22 -7.72 -38.82
C ILE A 167 8.72 -7.44 -38.79
N TRP A 168 9.08 -6.21 -38.47
CA TRP A 168 10.50 -5.85 -38.39
C TRP A 168 11.16 -6.51 -37.18
N GLY A 169 10.51 -6.47 -36.04
CA GLY A 169 11.10 -7.03 -34.84
C GLY A 169 10.17 -6.82 -33.66
N GLY A 170 10.59 -7.39 -32.52
CA GLY A 170 9.86 -7.26 -31.29
C GLY A 170 10.76 -6.84 -30.15
N SER A 171 10.14 -6.33 -29.09
CA SER A 171 10.84 -6.00 -27.86
C SER A 171 10.09 -6.63 -26.70
N GLU A 172 10.84 -7.25 -25.78
CA GLU A 172 10.25 -8.03 -24.70
C GLU A 172 10.56 -7.36 -23.37
N GLU A 173 9.52 -7.19 -22.55
CA GLU A 173 9.63 -6.37 -21.34
C GLU A 173 10.22 -7.12 -20.16
N THR A 174 9.95 -8.42 -20.03
CA THR A 174 10.13 -9.10 -18.75
C THR A 174 11.02 -10.34 -18.90
N THR A 175 11.50 -10.79 -17.74
CA THR A 175 12.42 -11.94 -17.70
C THR A 175 11.77 -13.19 -18.27
N THR A 176 10.52 -13.46 -17.90
CA THR A 176 9.84 -14.65 -18.39
C THR A 176 9.75 -14.65 -19.92
N GLY A 177 9.44 -13.50 -20.51
CA GLY A 177 9.38 -13.42 -21.95
C GLY A 177 10.73 -13.65 -22.61
N VAL A 178 11.79 -13.06 -22.04
CA VAL A 178 13.13 -13.23 -22.60
C VAL A 178 13.54 -14.70 -22.56
N ILE A 179 13.22 -15.39 -21.47
CA ILE A 179 13.51 -16.81 -21.36
C ILE A 179 12.83 -17.58 -22.49
N ARG A 180 11.56 -17.27 -22.75
CA ARG A 180 10.84 -17.94 -23.83
C ARG A 180 11.46 -17.64 -25.18
N LEU A 181 11.82 -16.38 -25.43
CA LEU A 181 12.35 -15.99 -26.73
C LEU A 181 13.73 -16.59 -26.98
N ARG A 182 14.56 -16.69 -25.94
CA ARG A 182 15.85 -17.34 -26.10
C ARG A 182 15.70 -18.82 -26.41
N ALA A 183 14.69 -19.46 -25.83
CA ALA A 183 14.40 -20.86 -26.18
C ALA A 183 13.87 -20.97 -27.60
N MET A 184 13.09 -19.98 -28.04
CA MET A 184 12.68 -19.93 -29.44
C MET A 184 13.88 -19.82 -30.35
N GLU A 185 14.85 -18.97 -29.99
CA GLU A 185 16.06 -18.83 -30.79
C GLU A 185 16.85 -20.13 -30.82
N LYS A 186 16.95 -20.80 -29.67
CA LYS A 186 17.69 -22.07 -29.60
C LYS A 186 17.06 -23.12 -30.51
N ALA A 187 15.74 -23.18 -30.57
CA ALA A 187 15.04 -24.17 -31.38
C ALA A 187 14.97 -23.79 -32.86
N GLY A 188 15.42 -22.60 -33.23
CA GLY A 188 15.46 -22.20 -34.63
C GLY A 188 14.13 -21.77 -35.21
N ILE A 189 13.17 -21.39 -34.38
CA ILE A 189 11.85 -20.99 -34.88
C ILE A 189 11.58 -19.49 -34.70
N LEU A 190 12.44 -18.76 -34.00
CA LEU A 190 12.33 -17.31 -33.98
C LEU A 190 12.62 -16.76 -35.37
N LYS A 191 11.70 -15.97 -35.91
CA LYS A 191 11.76 -15.56 -37.31
C LYS A 191 11.96 -14.06 -37.50
N PHE A 192 12.16 -13.31 -36.42
CA PHE A 192 12.50 -11.89 -36.54
C PHE A 192 13.28 -11.46 -35.31
N PRO A 193 14.06 -10.38 -35.40
CA PRO A 193 14.89 -9.97 -34.26
C PRO A 193 14.05 -9.50 -33.09
N VAL A 194 14.62 -9.66 -31.89
CA VAL A 194 13.93 -9.33 -30.64
C VAL A 194 14.90 -8.60 -29.73
N ILE A 195 14.43 -7.50 -29.13
CA ILE A 195 15.19 -6.75 -28.15
C ILE A 195 14.75 -7.17 -26.76
N ALA A 196 15.69 -7.68 -25.97
CA ALA A 196 15.42 -8.04 -24.57
C ALA A 196 15.54 -6.80 -23.71
N VAL A 197 14.46 -6.00 -23.72
CA VAL A 197 14.43 -4.76 -22.94
C VAL A 197 14.66 -5.07 -21.46
N ASN A 198 14.17 -6.22 -21.00
CA ASN A 198 14.37 -6.62 -19.61
C ASN A 198 15.84 -6.66 -19.23
N ASP A 199 16.72 -6.97 -20.18
CA ASP A 199 18.13 -7.17 -19.89
C ASP A 199 18.94 -5.88 -19.87
N SER A 200 18.30 -4.73 -20.06
CA SER A 200 19.01 -3.46 -19.97
C SER A 200 19.24 -3.10 -18.51
N TYR A 201 20.41 -2.49 -18.24
CA TYR A 201 20.77 -2.11 -16.88
C TYR A 201 19.67 -1.28 -16.22
N MET A 202 19.22 -0.23 -16.90
CA MET A 202 18.19 0.63 -16.34
C MET A 202 16.82 -0.04 -16.30
N LYS A 203 16.72 -1.31 -16.70
CA LYS A 203 15.47 -2.04 -16.53
C LYS A 203 15.55 -2.93 -15.31
N TYR A 204 16.37 -4.00 -15.38
CA TYR A 204 16.28 -5.04 -14.35
C TYR A 204 16.86 -4.57 -13.02
N LEU A 205 17.79 -3.61 -13.03
CA LEU A 205 18.34 -3.11 -11.77
C LEU A 205 17.37 -2.19 -11.04
N PHE A 206 16.29 -1.74 -11.68
CA PHE A 206 15.39 -0.75 -11.10
C PHE A 206 13.96 -1.25 -11.11
N ASP A 207 13.39 -1.53 -12.28
CA ASP A 207 12.06 -2.09 -12.40
C ASP A 207 11.95 -3.39 -11.60
N ASN A 208 12.77 -4.37 -11.94
CA ASN A 208 12.65 -5.70 -11.34
C ASN A 208 12.93 -5.66 -9.84
N ARG A 209 13.88 -4.84 -9.41
CA ARG A 209 14.27 -4.81 -8.00
C ARG A 209 13.43 -3.81 -7.21
N TYR A 210 13.64 -2.51 -7.47
CA TYR A 210 12.98 -1.49 -6.66
C TYR A 210 11.50 -1.38 -6.98
N GLY A 211 11.14 -1.53 -8.25
CA GLY A 211 9.73 -1.43 -8.63
C GLY A 211 8.89 -2.56 -8.04
N THR A 212 9.33 -3.80 -8.25
CA THR A 212 8.63 -4.95 -7.69
C THR A 212 8.67 -4.95 -6.17
N GLY A 213 9.77 -4.47 -5.58
CA GLY A 213 9.88 -4.43 -4.14
C GLY A 213 8.78 -3.60 -3.50
N GLN A 214 8.51 -2.43 -4.05
CA GLN A 214 7.47 -1.57 -3.49
C GLN A 214 6.07 -2.07 -3.82
N SER A 215 5.81 -2.34 -5.10
CA SER A 215 4.44 -2.60 -5.56
C SER A 215 3.90 -3.96 -5.12
N THR A 216 4.77 -4.93 -4.85
CA THR A 216 4.28 -6.22 -4.33
C THR A 216 3.63 -6.03 -2.97
N TRP A 217 4.26 -5.26 -2.09
CA TRP A 217 3.71 -5.02 -0.78
C TRP A 217 2.59 -4.00 -0.82
N ASP A 218 2.65 -3.06 -1.78
CA ASP A 218 1.50 -2.23 -2.08
C ASP A 218 0.26 -3.08 -2.33
N GLY A 219 0.38 -4.09 -3.18
CA GLY A 219 -0.77 -4.92 -3.50
C GLY A 219 -1.20 -5.82 -2.36
N ILE A 220 -0.24 -6.42 -1.65
CA ILE A 220 -0.57 -7.33 -0.56
C ILE A 220 -1.29 -6.59 0.56
N MET A 221 -0.77 -5.41 0.92
CA MET A 221 -1.46 -4.59 1.92
C MET A 221 -2.84 -4.17 1.46
N ARG A 222 -2.96 -3.77 0.19
CA ARG A 222 -4.25 -3.31 -0.31
C ARG A 222 -5.27 -4.44 -0.30
N ALA A 223 -4.85 -5.66 -0.63
CA ALA A 223 -5.79 -6.77 -0.72
C ALA A 223 -6.20 -7.29 0.66
N THR A 224 -5.33 -7.16 1.66
CA THR A 224 -5.50 -7.86 2.93
C THR A 224 -5.72 -6.96 4.14
N ASN A 225 -5.15 -5.74 4.15
CA ASN A 225 -5.15 -4.88 5.33
C ASN A 225 -4.47 -5.57 6.52
N LEU A 226 -3.44 -6.35 6.25
CA LEU A 226 -2.73 -7.08 7.28
C LEU A 226 -1.36 -6.48 7.55
N LEU A 227 -0.84 -6.80 8.72
CA LEU A 227 0.43 -6.25 9.18
C LEU A 227 1.60 -7.00 8.56
N ILE A 228 2.61 -6.26 8.12
CA ILE A 228 3.83 -6.87 7.57
C ILE A 228 4.88 -7.06 8.65
N ALA A 229 4.98 -6.14 9.59
CA ALA A 229 5.98 -6.24 10.66
C ALA A 229 5.67 -7.43 11.57
N GLY A 230 6.73 -8.08 12.05
CA GLY A 230 6.57 -9.22 12.92
C GLY A 230 6.00 -10.45 12.25
N LYS A 231 6.02 -10.51 10.92
CA LYS A 231 5.58 -11.67 10.17
C LYS A 231 6.77 -12.41 9.62
N ASN A 232 6.62 -13.73 9.47
CA ASN A 232 7.58 -14.53 8.72
C ASN A 232 7.20 -14.45 7.24
N VAL A 233 7.96 -13.68 6.48
CA VAL A 233 7.72 -13.52 5.04
C VAL A 233 8.69 -14.44 4.30
N VAL A 234 8.14 -15.34 3.49
CA VAL A 234 8.93 -16.28 2.71
C VAL A 234 8.96 -15.79 1.28
N VAL A 235 10.15 -15.50 0.77
CA VAL A 235 10.36 -15.04 -0.60
C VAL A 235 11.02 -16.17 -1.37
N VAL A 236 10.32 -16.71 -2.35
CA VAL A 236 10.82 -17.82 -3.16
C VAL A 236 11.49 -17.22 -4.39
N GLY A 237 12.81 -17.36 -4.46
CA GLY A 237 13.59 -16.73 -5.50
C GLY A 237 14.31 -15.51 -5.00
N TYR A 238 15.63 -15.45 -5.20
CA TYR A 238 16.43 -14.30 -4.81
C TYR A 238 17.16 -13.71 -6.02
N GLY A 239 16.46 -13.62 -7.14
CA GLY A 239 16.93 -12.84 -8.26
C GLY A 239 16.67 -11.37 -8.03
N TRP A 240 16.46 -10.63 -9.13
CA TRP A 240 16.26 -9.19 -9.00
C TRP A 240 14.92 -8.87 -8.32
N CYS A 241 13.87 -9.60 -8.68
CA CYS A 241 12.57 -9.37 -8.04
C CYS A 241 12.59 -9.81 -6.58
N GLY A 242 13.05 -11.04 -6.32
CA GLY A 242 13.09 -11.53 -4.96
C GLY A 242 13.92 -10.66 -4.04
N ARG A 243 15.07 -10.18 -4.53
CA ARG A 243 15.88 -9.24 -3.77
C ARG A 243 15.07 -8.03 -3.33
N GLY A 244 14.36 -7.41 -4.27
CA GLY A 244 13.59 -6.22 -3.94
C GLY A 244 12.42 -6.51 -3.03
N ILE A 245 11.73 -7.63 -3.26
CA ILE A 245 10.62 -8.01 -2.38
C ILE A 245 11.13 -8.26 -0.97
N ALA A 246 12.26 -8.98 -0.85
CA ALA A 246 12.84 -9.22 0.46
C ALA A 246 13.33 -7.93 1.09
N MET A 247 14.00 -7.09 0.30
CA MET A 247 14.47 -5.78 0.79
C MET A 247 13.35 -4.99 1.43
N ARG A 248 12.24 -4.81 0.72
CA ARG A 248 11.17 -3.95 1.19
C ARG A 248 10.38 -4.61 2.31
N ALA A 249 10.23 -5.94 2.26
CA ALA A 249 9.60 -6.65 3.37
C ALA A 249 10.35 -6.43 4.67
N ARG A 250 11.68 -6.60 4.62
CA ARG A 250 12.50 -6.25 5.77
C ARG A 250 12.30 -4.81 6.18
N GLY A 251 12.23 -3.90 5.21
CA GLY A 251 11.99 -2.50 5.49
C GLY A 251 10.66 -2.22 6.15
N LEU A 252 9.68 -3.10 5.95
CA LEU A 252 8.38 -2.97 6.59
C LEU A 252 8.27 -3.79 7.88
N GLY A 253 9.38 -4.29 8.39
CA GLY A 253 9.43 -4.92 9.68
C GLY A 253 9.29 -6.43 9.71
N ALA A 254 9.30 -7.09 8.56
CA ALA A 254 9.08 -8.52 8.52
C ALA A 254 10.38 -9.29 8.76
N THR A 255 10.22 -10.53 9.19
CA THR A 255 11.32 -11.49 9.21
C THR A 255 11.29 -12.26 7.89
N VAL A 256 12.35 -12.12 7.09
CA VAL A 256 12.36 -12.60 5.71
C VAL A 256 13.14 -13.91 5.64
N ILE A 257 12.51 -14.92 5.07
CA ILE A 257 13.14 -16.20 4.78
C ILE A 257 13.21 -16.35 3.26
N VAL A 258 14.39 -16.65 2.75
CA VAL A 258 14.63 -16.75 1.30
C VAL A 258 14.75 -18.22 0.93
N VAL A 259 14.05 -18.62 -0.13
CA VAL A 259 14.17 -19.94 -0.71
C VAL A 259 14.77 -19.80 -2.10
N GLU A 260 15.86 -20.52 -2.35
CA GLU A 260 16.59 -20.40 -3.60
C GLU A 260 17.10 -21.77 -4.02
N VAL A 261 17.31 -21.93 -5.33
CA VAL A 261 18.00 -23.10 -5.87
C VAL A 261 19.42 -22.77 -6.32
N ASP A 262 19.77 -21.49 -6.43
CA ASP A 262 21.12 -21.08 -6.78
C ASP A 262 21.93 -20.93 -5.51
N PRO A 263 23.00 -21.70 -5.31
CA PRO A 263 23.77 -21.59 -4.06
C PRO A 263 24.46 -20.26 -3.90
N ILE A 264 24.87 -19.60 -4.98
CA ILE A 264 25.52 -18.29 -4.87
C ILE A 264 24.51 -17.26 -4.35
N LYS A 265 23.32 -17.22 -4.95
CA LYS A 265 22.31 -16.26 -4.51
C LYS A 265 21.80 -16.59 -3.11
N ALA A 266 21.80 -17.87 -2.74
CA ALA A 266 21.42 -18.25 -1.38
C ALA A 266 22.39 -17.65 -0.36
N LEU A 267 23.69 -17.65 -0.69
CA LEU A 267 24.67 -17.06 0.21
C LEU A 267 24.53 -15.53 0.26
N GLU A 268 24.22 -14.92 -0.89
CA GLU A 268 23.94 -13.48 -0.91
C GLU A 268 22.82 -13.14 0.08
N ALA A 269 21.73 -13.91 0.05
CA ALA A 269 20.62 -13.64 0.95
C ALA A 269 21.05 -13.76 2.41
N ARG A 270 21.91 -14.73 2.72
CA ARG A 270 22.45 -14.85 4.06
C ARG A 270 23.23 -13.59 4.44
N MET A 271 24.19 -13.20 3.58
CA MET A 271 24.99 -12.01 3.85
C MET A 271 24.12 -10.76 3.96
N ASP A 272 22.98 -10.73 3.27
CA ASP A 272 22.05 -9.63 3.41
C ASP A 272 21.22 -9.71 4.69
N GLY A 273 21.42 -10.75 5.49
CA GLY A 273 20.76 -10.84 6.79
C GLY A 273 19.48 -11.63 6.82
N PHE A 274 19.21 -12.44 5.80
CA PHE A 274 17.98 -13.20 5.71
C PHE A 274 18.23 -14.67 6.00
N LEU A 275 17.22 -15.33 6.59
CA LEU A 275 17.25 -16.77 6.72
C LEU A 275 17.16 -17.43 5.35
N VAL A 276 17.81 -18.60 5.23
CA VAL A 276 17.78 -19.37 4.00
C VAL A 276 17.48 -20.82 4.36
N MET A 277 16.37 -21.33 3.86
CA MET A 277 16.01 -22.74 4.00
C MET A 277 15.33 -23.19 2.72
N ASP A 278 14.99 -24.48 2.67
CA ASP A 278 14.28 -24.99 1.50
C ASP A 278 12.78 -24.78 1.69
N MET A 279 12.01 -25.14 0.66
CA MET A 279 10.62 -24.71 0.62
C MET A 279 9.73 -25.49 1.59
N LYS A 280 10.11 -26.73 1.90
CA LYS A 280 9.34 -27.49 2.88
C LYS A 280 9.53 -26.94 4.29
N GLU A 281 10.77 -26.61 4.66
CA GLU A 281 11.01 -25.97 5.96
C GLU A 281 10.37 -24.59 6.02
N ALA A 282 10.42 -23.84 4.92
CA ALA A 282 9.82 -22.52 4.88
C ALA A 282 8.30 -22.60 5.02
N ALA A 283 7.69 -23.64 4.46
CA ALA A 283 6.24 -23.74 4.47
C ALA A 283 5.68 -23.89 5.89
N LYS A 284 6.46 -24.49 6.80
CA LYS A 284 5.96 -24.71 8.15
C LYS A 284 5.87 -23.42 8.94
N ILE A 285 6.68 -22.43 8.62
CA ILE A 285 6.85 -21.25 9.46
C ILE A 285 6.38 -19.96 8.79
N GLY A 286 6.15 -19.96 7.48
CA GLY A 286 5.82 -18.72 6.81
C GLY A 286 4.43 -18.21 7.18
N ASP A 287 4.32 -16.89 7.32
CA ASP A 287 3.04 -16.22 7.45
C ASP A 287 2.55 -15.65 6.12
N ILE A 288 3.47 -15.15 5.30
CA ILE A 288 3.17 -14.63 3.98
C ILE A 288 4.19 -15.21 3.01
N PHE A 289 3.70 -15.77 1.90
CA PHE A 289 4.56 -16.39 0.89
C PHE A 289 4.45 -15.58 -0.40
N VAL A 290 5.60 -15.20 -0.96
CA VAL A 290 5.65 -14.46 -2.22
C VAL A 290 6.62 -15.18 -3.15
N THR A 291 6.15 -15.53 -4.35
CA THR A 291 6.95 -16.22 -5.35
C THR A 291 7.43 -15.23 -6.40
N ALA A 292 8.70 -15.32 -6.75
CA ALA A 292 9.29 -14.46 -7.79
C ALA A 292 10.37 -15.23 -8.53
N THR A 293 10.04 -16.44 -8.99
CA THR A 293 11.00 -17.33 -9.61
C THR A 293 10.96 -17.31 -11.13
N GLY A 294 9.82 -17.01 -11.73
CA GLY A 294 9.66 -17.22 -13.15
C GLY A 294 9.63 -18.68 -13.53
N ASN A 295 9.40 -19.56 -12.56
CA ASN A 295 9.41 -21.00 -12.73
C ASN A 295 8.03 -21.56 -12.39
N ILE A 296 7.87 -22.87 -12.58
CA ILE A 296 6.60 -23.55 -12.39
C ILE A 296 6.66 -24.38 -11.12
N LYS A 297 5.55 -24.40 -10.38
CA LYS A 297 5.35 -25.31 -9.25
C LYS A 297 6.40 -25.16 -8.16
N CYS A 298 6.73 -23.91 -7.82
CA CYS A 298 7.66 -23.72 -6.70
CA CYS A 298 7.65 -23.67 -6.71
C CYS A 298 6.97 -23.90 -5.36
N ILE A 299 5.64 -23.76 -5.31
CA ILE A 299 4.83 -24.06 -4.13
C ILE A 299 3.69 -24.94 -4.58
N ARG A 300 3.57 -26.13 -3.97
CA ARG A 300 2.60 -27.11 -4.43
C ARG A 300 2.09 -27.92 -3.24
N ARG A 301 1.48 -29.07 -3.54
CA ARG A 301 0.69 -29.85 -2.59
C ARG A 301 1.32 -29.96 -1.21
N GLU A 302 2.51 -30.56 -1.13
CA GLU A 302 3.12 -30.83 0.16
C GLU A 302 3.46 -29.58 0.94
N HIS A 303 3.60 -28.43 0.27
CA HIS A 303 3.86 -27.19 0.99
C HIS A 303 2.57 -26.63 1.59
N PHE A 304 1.48 -26.65 0.80
CA PHE A 304 0.18 -26.25 1.33
C PHE A 304 -0.20 -27.06 2.56
N GLU A 305 0.08 -28.37 2.53
CA GLU A 305 -0.28 -29.23 3.64
C GLU A 305 0.49 -28.87 4.90
N LEU A 306 1.67 -28.27 4.77
CA LEU A 306 2.49 -27.89 5.91
C LEU A 306 2.17 -26.50 6.43
N MET A 307 1.39 -25.71 5.70
CA MET A 307 1.23 -24.30 6.02
C MET A 307 0.34 -24.10 7.23
N LYS A 308 0.62 -23.01 7.96
CA LYS A 308 -0.17 -22.64 9.11
C LYS A 308 -1.54 -22.13 8.68
N ASP A 309 -2.50 -22.20 9.61
CA ASP A 309 -3.82 -21.63 9.35
C ASP A 309 -3.70 -20.14 9.08
N GLY A 310 -4.35 -19.69 8.02
CA GLY A 310 -4.36 -18.27 7.67
C GLY A 310 -3.21 -17.80 6.81
N ALA A 311 -2.41 -18.72 6.26
CA ALA A 311 -1.27 -18.32 5.44
C ALA A 311 -1.72 -17.53 4.23
N ILE A 312 -1.00 -16.44 3.95
CA ILE A 312 -1.25 -15.60 2.78
C ILE A 312 -0.24 -15.98 1.69
N MET A 313 -0.73 -16.18 0.47
CA MET A 313 0.12 -16.55 -0.65
C MET A 313 -0.09 -15.59 -1.80
N ALA A 314 1.02 -15.15 -2.40
CA ALA A 314 0.96 -14.21 -3.51
C ALA A 314 2.06 -14.53 -4.50
N ASN A 315 1.77 -14.30 -5.78
CA ASN A 315 2.72 -14.51 -6.86
C ASN A 315 3.09 -13.16 -7.46
N ALA A 316 4.39 -12.89 -7.55
CA ALA A 316 4.89 -11.67 -8.18
C ALA A 316 5.70 -11.96 -9.44
N GLY A 317 5.73 -13.21 -9.89
CA GLY A 317 6.56 -13.60 -11.01
C GLY A 317 5.88 -13.51 -12.36
N HIS A 318 5.23 -14.58 -12.78
CA HIS A 318 4.66 -14.64 -14.13
C HIS A 318 3.46 -15.57 -14.14
N PHE A 319 2.51 -15.26 -15.02
CA PHE A 319 1.33 -16.10 -15.30
C PHE A 319 0.65 -16.42 -13.98
N ASP A 320 0.30 -17.68 -13.72
CA ASP A 320 -0.31 -18.12 -12.48
C ASP A 320 0.17 -19.52 -12.10
N VAL A 321 1.40 -19.85 -12.48
CA VAL A 321 1.89 -21.23 -12.39
C VAL A 321 2.94 -21.42 -11.31
N GLU A 322 3.40 -20.35 -10.66
CA GLU A 322 4.41 -20.50 -9.63
C GLU A 322 3.83 -21.14 -8.38
N ILE A 323 2.64 -20.73 -7.97
CA ILE A 323 1.87 -21.39 -6.92
C ILE A 323 0.84 -22.27 -7.61
N TRP A 324 0.96 -23.58 -7.44
CA TRP A 324 0.19 -24.53 -8.25
C TRP A 324 -1.24 -24.61 -7.72
N LYS A 325 -2.12 -23.82 -8.33
CA LYS A 325 -3.52 -23.79 -7.93
C LYS A 325 -4.22 -25.14 -7.98
N PRO A 326 -4.02 -26.00 -9.00
CA PRO A 326 -4.70 -27.30 -8.99
C PRO A 326 -4.46 -28.11 -7.74
N ASP A 327 -3.28 -27.98 -7.12
CA ASP A 327 -3.03 -28.69 -5.87
C ASP A 327 -3.87 -28.12 -4.74
N LEU A 328 -4.01 -26.79 -4.70
CA LEU A 328 -4.85 -26.17 -3.68
C LEU A 328 -6.30 -26.59 -3.83
N GLU A 329 -6.80 -26.66 -5.07
CA GLU A 329 -8.19 -27.03 -5.30
C GLU A 329 -8.46 -28.46 -4.87
N LYS A 330 -7.49 -29.36 -5.07
CA LYS A 330 -7.67 -30.75 -4.66
C LYS A 330 -7.67 -30.91 -3.15
N LEU A 331 -6.94 -30.05 -2.44
CA LEU A 331 -6.90 -30.11 -0.99
C LEU A 331 -8.14 -29.49 -0.36
N ALA A 332 -8.79 -28.56 -1.06
CA ALA A 332 -9.88 -27.78 -0.48
C ALA A 332 -11.18 -28.55 -0.49
N VAL A 333 -11.89 -28.53 0.63
CA VAL A 333 -13.28 -28.97 0.67
C VAL A 333 -14.24 -27.82 0.43
N GLU A 334 -13.79 -26.59 0.66
CA GLU A 334 -14.54 -25.38 0.35
C GLU A 334 -13.60 -24.39 -0.31
N ILE A 335 -14.06 -23.72 -1.35
CA ILE A 335 -13.36 -22.59 -1.94
C ILE A 335 -14.27 -21.38 -1.86
N ASN A 336 -13.81 -20.35 -1.16
CA ASN A 336 -14.60 -19.14 -0.92
C ASN A 336 -13.82 -17.93 -1.37
N ASN A 337 -14.51 -16.79 -1.40
CA ASN A 337 -13.94 -15.52 -1.86
C ASN A 337 -14.32 -14.43 -0.86
N PRO A 338 -13.59 -14.33 0.26
CA PRO A 338 -14.00 -13.40 1.32
C PRO A 338 -13.72 -11.94 1.00
N ARG A 339 -12.75 -11.64 0.16
CA ARG A 339 -12.45 -10.28 -0.26
C ARG A 339 -12.15 -10.29 -1.74
N PRO A 340 -12.28 -9.15 -2.41
CA PRO A 340 -11.73 -9.03 -3.77
C PRO A 340 -10.24 -9.35 -3.76
N ASN A 341 -9.83 -10.19 -4.70
CA ASN A 341 -8.46 -10.65 -4.86
C ASN A 341 -7.99 -11.55 -3.72
N VAL A 342 -8.91 -12.19 -2.99
CA VAL A 342 -8.56 -13.17 -1.97
C VAL A 342 -9.43 -14.41 -2.19
N THR A 343 -8.78 -15.51 -2.55
CA THR A 343 -9.43 -16.81 -2.66
C THR A 343 -9.08 -17.63 -1.44
N GLU A 344 -10.10 -18.15 -0.76
CA GLU A 344 -9.92 -18.92 0.46
C GLU A 344 -10.07 -20.40 0.13
N TYR A 345 -9.05 -21.18 0.48
CA TYR A 345 -9.07 -22.63 0.31
C TYR A 345 -9.18 -23.27 1.70
N LYS A 346 -10.35 -23.79 2.02
CA LYS A 346 -10.62 -24.39 3.32
C LYS A 346 -10.30 -25.89 3.24
N LEU A 347 -9.37 -26.34 4.08
CA LEU A 347 -8.88 -27.70 3.99
C LEU A 347 -9.67 -28.63 4.92
N LYS A 348 -9.35 -29.93 4.81
CA LYS A 348 -10.07 -30.95 5.55
C LYS A 348 -10.02 -30.71 7.06
N ASP A 349 -8.84 -30.38 7.59
CA ASP A 349 -8.67 -30.18 9.03
C ASP A 349 -9.17 -28.83 9.52
N GLY A 350 -9.79 -28.03 8.66
CA GLY A 350 -10.30 -26.74 9.04
C GLY A 350 -9.38 -25.57 8.75
N ARG A 351 -8.13 -25.83 8.39
CA ARG A 351 -7.22 -24.76 8.04
C ARG A 351 -7.71 -24.01 6.81
N ARG A 352 -7.48 -22.71 6.79
CA ARG A 352 -7.85 -21.86 5.66
C ARG A 352 -6.60 -21.18 5.12
N LEU A 353 -6.31 -21.40 3.85
CA LEU A 353 -5.18 -20.78 3.16
C LEU A 353 -5.72 -19.80 2.12
N TYR A 354 -5.06 -18.65 1.99
CA TYR A 354 -5.55 -17.55 1.19
C TYR A 354 -4.59 -17.27 0.04
N LEU A 355 -5.11 -17.32 -1.18
CA LEU A 355 -4.34 -16.99 -2.37
C LEU A 355 -4.77 -15.61 -2.87
N LEU A 356 -3.80 -14.74 -3.09
CA LEU A 356 -4.07 -13.39 -3.54
C LEU A 356 -4.10 -13.32 -5.06
N ALA A 357 -5.01 -12.49 -5.58
CA ALA A 357 -5.05 -12.11 -7.00
C ALA A 357 -5.13 -13.31 -7.93
N ASP A 358 -5.78 -14.39 -7.48
CA ASP A 358 -5.92 -15.62 -8.26
C ASP A 358 -4.57 -16.18 -8.68
N GLY A 359 -3.53 -15.96 -7.85
CA GLY A 359 -2.21 -16.43 -8.18
C GLY A 359 -1.51 -15.68 -9.29
N ARG A 360 -2.05 -14.55 -9.74
CA ARG A 360 -1.42 -13.72 -10.74
C ARG A 360 -0.73 -12.53 -10.06
N LEU A 361 0.09 -11.82 -10.86
CA LEU A 361 0.90 -10.70 -10.38
C LEU A 361 0.17 -9.84 -9.36
N VAL A 362 0.53 -9.99 -8.08
CA VAL A 362 -0.22 -9.33 -7.03
C VAL A 362 -0.09 -7.82 -7.11
N ASN A 363 1.05 -7.32 -7.58
CA ASN A 363 1.25 -5.87 -7.64
C ASN A 363 0.37 -5.23 -8.70
N LEU A 364 0.05 -5.96 -9.77
CA LEU A 364 -0.72 -5.42 -10.87
C LEU A 364 -2.20 -5.75 -10.81
N VAL A 365 -2.58 -6.77 -10.04
CA VAL A 365 -3.98 -7.16 -9.91
C VAL A 365 -4.61 -6.58 -8.65
N ALA A 366 -3.89 -6.64 -7.53
CA ALA A 366 -4.38 -6.09 -6.27
C ALA A 366 -4.02 -4.63 -6.06
N ALA A 367 -3.16 -4.07 -6.92
CA ALA A 367 -2.79 -2.66 -6.82
C ALA A 367 -2.65 -2.06 -8.21
N ASP A 368 -1.84 -1.00 -8.33
CA ASP A 368 -1.69 -0.25 -9.58
C ASP A 368 -0.33 -0.49 -10.23
N GLY A 369 0.27 -1.64 -9.97
CA GLY A 369 1.56 -1.96 -10.54
C GLY A 369 2.68 -1.11 -9.96
N HIS A 370 3.80 -1.13 -10.68
CA HIS A 370 4.97 -0.37 -10.28
C HIS A 370 4.63 1.13 -10.20
N PRO A 371 5.32 1.89 -9.37
CA PRO A 371 5.08 3.33 -9.33
C PRO A 371 5.47 4.00 -10.65
N ALA A 372 4.98 5.23 -10.82
CA ALA A 372 5.11 5.91 -12.11
C ALA A 372 6.57 6.14 -12.47
N GLU A 373 7.38 6.58 -11.50
CA GLU A 373 8.78 6.91 -11.80
C GLU A 373 9.57 5.68 -12.23
N ILE A 374 9.16 4.49 -11.80
CA ILE A 374 9.85 3.27 -12.21
C ILE A 374 9.52 2.93 -13.66
N MET A 375 8.23 2.94 -14.01
CA MET A 375 7.86 2.58 -15.36
C MET A 375 8.19 3.67 -16.37
N ASP A 376 8.41 4.90 -15.89
CA ASP A 376 9.01 5.92 -16.71
C ASP A 376 10.29 5.40 -17.37
N MET A 377 11.17 4.81 -16.57
CA MET A 377 12.47 4.37 -17.08
C MET A 377 12.34 3.09 -17.90
N SER A 378 11.50 2.14 -17.46
CA SER A 378 11.31 0.91 -18.23
C SER A 378 10.67 1.20 -19.58
N PHE A 379 9.64 2.06 -19.60
CA PHE A 379 8.96 2.37 -20.84
C PHE A 379 9.72 3.38 -21.69
N ALA A 380 10.62 4.16 -21.09
CA ALA A 380 11.56 4.94 -21.89
C ALA A 380 12.46 4.03 -22.70
N LEU A 381 12.95 2.95 -22.07
CA LEU A 381 13.74 1.97 -22.80
C LEU A 381 12.91 1.30 -23.89
N GLN A 382 11.64 1.00 -23.60
CA GLN A 382 10.75 0.41 -24.61
C GLN A 382 10.61 1.32 -25.81
N ALA A 383 10.42 2.62 -25.57
CA ALA A 383 10.33 3.58 -26.67
C ALA A 383 11.62 3.60 -27.47
N LYS A 384 12.77 3.60 -26.78
CA LYS A 384 14.04 3.58 -27.49
C LYS A 384 14.26 2.25 -28.22
N ALA A 385 13.74 1.15 -27.65
CA ALA A 385 13.89 -0.15 -28.31
C ALA A 385 13.06 -0.21 -29.59
N ALA A 386 11.86 0.37 -29.57
CA ALA A 386 11.05 0.44 -30.79
C ALA A 386 11.76 1.25 -31.86
N GLU A 387 12.35 2.38 -31.47
CA GLU A 387 13.16 3.16 -32.42
C GLU A 387 14.36 2.36 -32.91
N TYR A 388 14.98 1.59 -32.01
CA TYR A 388 16.13 0.77 -32.40
C TYR A 388 15.72 -0.31 -33.40
N ILE A 389 14.56 -0.93 -33.19
CA ILE A 389 14.07 -1.93 -34.14
C ILE A 389 13.79 -1.29 -35.49
N LYS A 390 13.04 -0.18 -35.48
CA LYS A 390 12.71 0.53 -36.72
C LYS A 390 13.93 0.75 -37.59
N ASP A 391 15.06 1.07 -36.97
CA ASP A 391 16.21 1.63 -37.68
C ASP A 391 17.35 0.62 -37.88
N ASN A 392 17.31 -0.53 -37.22
CA ASN A 392 18.40 -1.48 -37.32
C ASN A 392 17.96 -2.89 -37.68
N HIS A 393 16.66 -3.12 -37.89
CA HIS A 393 16.16 -4.50 -38.00
C HIS A 393 16.73 -5.21 -39.21
N GLU A 394 17.10 -4.48 -40.27
CA GLU A 394 17.62 -5.12 -41.47
C GLU A 394 19.05 -5.64 -41.26
N ARG A 395 19.81 -5.06 -40.34
CA ARG A 395 21.14 -5.55 -40.00
C ARG A 395 21.11 -6.59 -38.88
N LEU A 396 19.93 -6.94 -38.38
CA LEU A 396 19.81 -7.86 -37.26
C LEU A 396 19.33 -9.21 -37.74
N GLU A 397 19.84 -10.26 -37.11
CA GLU A 397 19.42 -11.63 -37.37
C GLU A 397 18.18 -11.96 -36.54
N PRO A 398 17.47 -13.03 -36.86
CA PRO A 398 16.39 -13.48 -35.99
C PRO A 398 16.90 -14.01 -34.66
N LYS A 399 17.43 -13.12 -33.82
CA LYS A 399 18.02 -13.50 -32.54
C LYS A 399 17.58 -12.50 -31.48
N VAL A 400 17.97 -12.79 -30.23
CA VAL A 400 17.66 -11.94 -29.10
C VAL A 400 18.84 -11.00 -28.84
N TYR A 401 18.57 -9.70 -28.83
CA TYR A 401 19.60 -8.70 -28.61
C TYR A 401 19.28 -7.87 -27.38
N ILE A 402 20.33 -7.21 -26.87
CA ILE A 402 20.23 -6.27 -25.76
C ILE A 402 20.62 -4.89 -26.29
N LEU A 403 19.89 -3.87 -25.85
CA LEU A 403 20.16 -2.52 -26.30
C LEU A 403 21.59 -2.11 -25.93
N PRO A 404 22.24 -1.28 -26.74
CA PRO A 404 23.56 -0.76 -26.36
C PRO A 404 23.48 0.04 -25.09
N ARG A 405 24.52 -0.09 -24.25
CA ARG A 405 24.52 0.56 -22.94
C ARG A 405 24.47 2.08 -23.05
N GLU A 406 24.70 2.65 -24.24
CA GLU A 406 24.57 4.09 -24.41
C GLU A 406 23.14 4.55 -24.13
N ILE A 407 22.15 3.73 -24.50
CA ILE A 407 20.76 4.09 -24.20
C ILE A 407 20.50 4.05 -22.70
N ASP A 408 21.00 3.02 -22.03
CA ASP A 408 20.95 2.98 -20.56
C ASP A 408 21.55 4.25 -19.97
N GLU A 409 22.72 4.66 -20.49
CA GLU A 409 23.38 5.85 -20.00
C GLU A 409 22.53 7.10 -20.23
N MET A 410 21.87 7.18 -21.39
CA MET A 410 21.06 8.35 -21.71
C MET A 410 19.85 8.44 -20.78
N VAL A 411 19.16 7.32 -20.57
CA VAL A 411 17.99 7.32 -19.68
C VAL A 411 18.40 7.73 -18.26
N ALA A 412 19.55 7.24 -17.80
CA ALA A 412 20.01 7.55 -16.45
C ALA A 412 20.35 9.03 -16.30
N ARG A 413 20.97 9.63 -17.31
CA ARG A 413 21.36 11.03 -17.20
C ARG A 413 20.15 11.96 -17.31
N ILE A 414 19.13 11.56 -18.07
CA ILE A 414 17.89 12.34 -18.12
C ILE A 414 17.18 12.29 -16.77
N LYS A 415 17.14 11.10 -16.16
CA LYS A 415 16.51 10.96 -14.86
C LYS A 415 17.23 11.78 -13.79
N LEU A 416 18.57 11.68 -13.76
CA LEU A 416 19.35 12.44 -12.78
C LEU A 416 19.12 13.93 -12.94
N GLU A 417 19.10 14.42 -14.18
CA GLU A 417 18.92 15.85 -14.42
C GLU A 417 17.53 16.31 -13.99
N SER A 418 16.49 15.53 -14.30
CA SER A 418 15.16 15.83 -13.81
C SER A 418 15.07 15.80 -12.30
N MET A 419 15.99 15.09 -11.64
CA MET A 419 16.07 15.02 -10.19
C MET A 419 16.89 16.16 -9.60
N GLY A 420 17.58 16.93 -10.43
CA GLY A 420 18.44 17.99 -9.93
C GLY A 420 19.74 17.48 -9.34
N ILE A 421 20.20 16.31 -9.77
CA ILE A 421 21.42 15.69 -9.24
C ILE A 421 22.54 15.85 -10.25
N LYS A 422 23.65 16.42 -9.81
CA LYS A 422 24.85 16.55 -10.62
C LYS A 422 25.95 15.68 -10.02
N ILE A 423 26.53 14.83 -10.86
CA ILE A 423 27.49 13.83 -10.40
C ILE A 423 28.90 14.25 -10.81
N GLU A 424 29.90 13.60 -10.21
CA GLU A 424 31.29 13.85 -10.55
C GLU A 424 31.55 13.47 -12.01
N GLU A 425 32.49 14.20 -12.63
CA GLU A 425 32.96 13.90 -13.96
C GLU A 425 34.42 13.47 -13.91
N LEU A 426 34.75 12.44 -14.67
CA LEU A 426 36.13 11.96 -14.71
C LEU A 426 37.04 12.98 -15.38
N THR A 427 38.21 13.18 -14.80
CA THR A 427 39.22 14.00 -15.44
C THR A 427 39.96 13.17 -16.49
N GLU A 428 40.61 13.89 -17.43
CA GLU A 428 41.38 13.21 -18.46
C GLU A 428 42.51 12.38 -17.85
N GLU A 429 43.12 12.90 -16.78
CA GLU A 429 44.15 12.14 -16.08
C GLU A 429 43.58 10.84 -15.51
N GLN A 430 42.34 10.88 -15.03
CA GLN A 430 41.75 9.68 -14.44
C GLN A 430 41.38 8.66 -15.50
N LYS A 431 40.79 9.10 -16.62
CA LYS A 431 40.56 8.20 -17.74
C LYS A 431 41.86 7.53 -18.18
N LYS A 432 42.93 8.32 -18.32
CA LYS A 432 44.24 7.78 -18.64
C LYS A 432 44.68 6.74 -17.62
N TYR A 433 44.51 7.05 -16.33
CA TYR A 433 44.97 6.15 -15.29
C TYR A 433 44.27 4.80 -15.37
N LEU A 434 42.98 4.79 -15.68
CA LEU A 434 42.22 3.55 -15.70
C LEU A 434 42.56 2.68 -16.90
N GLU A 435 43.20 3.24 -17.93
CA GLU A 435 43.65 2.47 -19.07
C GLU A 435 45.12 2.08 -18.98
N SER A 436 45.81 2.50 -17.94
CA SER A 436 47.25 2.25 -17.79
C SER A 436 47.50 1.00 -16.94
N TRP A 437 48.76 0.58 -16.93
CA TRP A 437 49.19 -0.60 -16.19
C TRP A 437 50.54 -0.43 -15.51
N GLU A 438 51.29 0.64 -15.80
CA GLU A 438 52.64 0.81 -15.27
C GLU A 438 52.65 1.43 -13.88
N HIS A 439 51.60 2.15 -13.51
CA HIS A 439 51.56 2.87 -12.23
C HIS A 439 51.13 1.91 -11.13
N GLY A 440 52.11 1.31 -10.45
CA GLY A 440 51.82 0.44 -9.33
C GLY A 440 52.25 1.06 -8.01
N THR A 441 52.67 0.22 -7.06
CA THR A 441 53.13 0.70 -5.76
C THR A 441 54.28 1.68 -5.94
N MET B 21 -29.41 8.71 4.20
CA MET B 21 -30.60 8.41 3.41
C MET B 21 -31.43 7.32 4.08
N ASP B 22 -30.76 6.26 4.54
CA ASP B 22 -31.38 5.24 5.38
C ASP B 22 -31.23 5.68 6.82
N CYS B 23 -32.18 6.48 7.29
CA CYS B 23 -32.06 7.23 8.53
C CYS B 23 -33.31 7.04 9.37
N GLY B 24 -33.12 6.92 10.68
CA GLY B 24 -34.23 6.76 11.58
C GLY B 24 -33.81 7.00 13.02
N LYS B 25 -34.66 6.57 13.95
CA LYS B 25 -34.34 6.74 15.36
C LYS B 25 -33.12 5.92 15.75
N ASP B 26 -33.00 4.70 15.22
CA ASP B 26 -31.97 3.78 15.68
C ASP B 26 -30.67 3.87 14.88
N TYR B 27 -30.68 4.47 13.71
CA TYR B 27 -29.45 4.57 12.92
C TYR B 27 -29.62 5.63 11.83
N CYS B 28 -28.49 6.03 11.25
CA CYS B 28 -28.50 6.89 10.07
C CYS B 28 -27.30 6.51 9.23
N VAL B 29 -27.54 5.78 8.14
CA VAL B 29 -26.48 5.27 7.28
C VAL B 29 -26.80 5.66 5.84
N LYS B 30 -25.78 5.58 4.98
CA LYS B 30 -25.97 5.95 3.58
C LYS B 30 -26.91 4.98 2.87
N ASP B 31 -26.64 3.67 2.98
CA ASP B 31 -27.36 2.69 2.18
C ASP B 31 -27.29 1.35 2.89
N LEU B 32 -28.44 0.87 3.37
CA LEU B 32 -28.47 -0.40 4.10
C LEU B 32 -28.12 -1.58 3.22
N SER B 33 -28.34 -1.47 1.90
CA SER B 33 -28.07 -2.58 1.00
C SER B 33 -26.59 -2.85 0.82
N LEU B 34 -25.71 -1.98 1.31
CA LEU B 34 -24.27 -2.22 1.29
C LEU B 34 -23.82 -3.15 2.40
N ALA B 35 -24.75 -3.63 3.24
CA ALA B 35 -24.37 -4.34 4.46
C ALA B 35 -23.64 -5.65 4.15
N GLU B 36 -24.02 -6.33 3.07
CA GLU B 36 -23.43 -7.63 2.77
C GLU B 36 -21.94 -7.51 2.52
N GLU B 37 -21.51 -6.48 1.80
CA GLU B 37 -20.09 -6.25 1.60
C GLU B 37 -19.41 -5.85 2.91
N GLY B 38 -20.09 -5.05 3.73
CA GLY B 38 -19.52 -4.68 5.02
C GLY B 38 -19.27 -5.89 5.90
N TRP B 39 -20.19 -6.85 5.89
CA TRP B 39 -20.02 -8.06 6.70
C TRP B 39 -18.78 -8.85 6.25
N LYS B 40 -18.58 -8.98 4.94
CA LYS B 40 -17.40 -9.69 4.45
C LYS B 40 -16.12 -9.04 4.96
N LYS B 41 -16.11 -7.71 5.00
CA LYS B 41 -14.95 -6.96 5.49
C LYS B 41 -14.74 -7.19 6.98
N ILE B 42 -15.82 -7.21 7.76
CA ILE B 42 -15.70 -7.44 9.20
C ILE B 42 -15.26 -8.86 9.48
N ASP B 43 -15.88 -9.83 8.80
CA ASP B 43 -15.49 -11.24 8.94
C ASP B 43 -14.01 -11.41 8.65
N TRP B 44 -13.51 -10.73 7.61
CA TRP B 44 -12.13 -10.93 7.18
C TRP B 44 -11.13 -10.50 8.26
N VAL B 45 -11.18 -9.23 8.65
CA VAL B 45 -10.19 -8.72 9.61
C VAL B 45 -10.33 -9.41 10.96
N SER B 46 -11.54 -9.87 11.29
CA SER B 46 -11.71 -10.55 12.57
C SER B 46 -10.95 -11.87 12.62
N ARG B 47 -10.72 -12.49 11.47
CA ARG B 47 -9.93 -13.72 11.43
C ARG B 47 -8.48 -13.48 11.86
N PHE B 48 -8.02 -12.23 11.82
CA PHE B 48 -6.63 -11.90 12.13
C PHE B 48 -6.54 -11.01 13.36
N MET B 49 -7.51 -11.13 14.26
CA MET B 49 -7.54 -10.36 15.51
C MET B 49 -7.68 -11.33 16.68
N PRO B 50 -6.61 -12.08 16.99
CA PRO B 50 -6.73 -13.14 18.00
C PRO B 50 -7.01 -12.61 19.41
N VAL B 51 -6.37 -11.51 19.81
CA VAL B 51 -6.54 -11.03 21.17
C VAL B 51 -7.98 -10.58 21.40
N LEU B 52 -8.56 -9.84 20.46
CA LEU B 52 -9.95 -9.42 20.60
C LEU B 52 -10.91 -10.60 20.47
N GLN B 53 -10.52 -11.63 19.71
CA GLN B 53 -11.32 -12.86 19.67
C GLN B 53 -11.32 -13.56 21.02
N TYR B 54 -10.15 -13.66 21.65
CA TYR B 54 -10.06 -14.22 23.01
C TYR B 54 -10.99 -13.48 23.96
N ILE B 55 -11.01 -12.15 23.87
CA ILE B 55 -11.84 -11.35 24.77
C ILE B 55 -13.32 -11.53 24.44
N LYS B 56 -13.65 -11.65 23.15
CA LYS B 56 -15.04 -11.79 22.76
C LYS B 56 -15.65 -13.08 23.29
N ARG B 57 -14.88 -14.17 23.27
CA ARG B 57 -15.36 -15.42 23.84
C ARG B 57 -15.63 -15.28 25.33
N GLU B 58 -14.72 -14.61 26.05
CA GLU B 58 -14.95 -14.32 27.46
C GLU B 58 -16.21 -13.48 27.64
N PHE B 59 -16.36 -12.42 26.85
CA PHE B 59 -17.53 -11.57 26.93
C PHE B 59 -18.81 -12.35 26.62
N GLU B 60 -18.76 -13.20 25.59
CA GLU B 60 -19.93 -13.98 25.22
C GLU B 60 -20.31 -14.99 26.30
N GLU B 61 -19.31 -15.52 27.01
CA GLU B 61 -19.59 -16.50 28.06
C GLU B 61 -20.16 -15.85 29.31
N LYS B 62 -19.59 -14.70 29.71
CA LYS B 62 -19.92 -14.09 30.99
C LYS B 62 -20.92 -12.94 30.89
N LYS B 63 -21.06 -12.33 29.71
CA LYS B 63 -21.93 -11.19 29.51
C LYS B 63 -21.71 -10.08 30.55
N PRO B 64 -20.50 -9.53 30.63
CA PRO B 64 -20.22 -8.54 31.68
C PRO B 64 -20.92 -7.21 31.45
N PHE B 65 -21.38 -6.92 30.24
CA PHE B 65 -22.01 -5.64 29.92
C PHE B 65 -23.52 -5.76 29.78
N LYS B 66 -24.12 -6.80 30.37
CA LYS B 66 -25.56 -6.96 30.33
C LYS B 66 -26.24 -5.77 30.97
N GLY B 67 -27.03 -5.03 30.18
CA GLY B 67 -27.72 -3.85 30.66
C GLY B 67 -26.93 -2.56 30.59
N VAL B 68 -25.67 -2.61 30.14
CA VAL B 68 -24.82 -1.44 30.07
C VAL B 68 -25.00 -0.80 28.69
N ARG B 69 -24.96 0.53 28.66
CA ARG B 69 -25.09 1.30 27.42
C ARG B 69 -23.78 1.99 27.12
N ILE B 70 -23.27 1.80 25.90
CA ILE B 70 -21.97 2.31 25.49
C ILE B 70 -22.14 3.13 24.23
N ALA B 71 -21.65 4.37 24.25
CA ALA B 71 -21.58 5.24 23.09
C ALA B 71 -20.14 5.39 22.67
N ALA B 72 -19.85 5.17 21.39
CA ALA B 72 -18.49 5.18 20.89
C ALA B 72 -18.35 6.17 19.75
N THR B 73 -17.23 6.89 19.74
CA THR B 73 -16.83 7.75 18.63
C THR B 73 -15.49 7.21 18.13
N LEU B 74 -15.51 6.48 17.02
CA LEU B 74 -14.33 5.85 16.47
C LEU B 74 -14.34 5.97 14.96
N HIS B 75 -13.20 5.66 14.34
CA HIS B 75 -13.13 5.57 12.89
C HIS B 75 -13.90 4.32 12.45
N LEU B 76 -15.00 4.53 11.75
CA LEU B 76 -15.98 3.45 11.51
C LEU B 76 -15.58 2.66 10.27
N GLU B 77 -14.59 1.79 10.46
CA GLU B 77 -14.26 0.75 9.49
C GLU B 77 -14.38 -0.61 10.17
N MET B 78 -13.80 -1.64 9.54
CA MET B 78 -14.18 -3.01 9.85
C MET B 78 -13.64 -3.46 11.19
N LYS B 79 -12.40 -3.07 11.51
CA LYS B 79 -11.84 -3.42 12.82
C LYS B 79 -12.61 -2.77 13.95
N THR B 80 -13.01 -1.50 13.78
CA THR B 80 -13.88 -0.86 14.75
C THR B 80 -15.19 -1.62 14.90
N ALA B 81 -15.76 -2.07 13.78
CA ALA B 81 -17.02 -2.80 13.83
C ALA B 81 -16.88 -4.08 14.65
N PHE B 82 -15.74 -4.75 14.55
CA PHE B 82 -15.56 -5.96 15.35
C PHE B 82 -15.42 -5.65 16.83
N LEU B 83 -14.83 -4.49 17.16
CA LEU B 83 -14.81 -4.07 18.56
C LEU B 83 -16.21 -3.79 19.06
N LEU B 84 -17.01 -3.07 18.27
CA LEU B 84 -18.37 -2.74 18.68
C LEU B 84 -19.22 -4.00 18.80
N LEU B 85 -19.03 -4.95 17.89
CA LEU B 85 -19.76 -6.22 17.99
C LEU B 85 -19.29 -7.04 19.18
N THR B 86 -18.00 -6.95 19.51
CA THR B 86 -17.50 -7.66 20.69
C THR B 86 -18.14 -7.13 21.97
N LEU B 87 -18.28 -5.80 22.07
CA LEU B 87 -18.98 -5.22 23.21
C LEU B 87 -20.44 -5.64 23.24
N LYS B 88 -21.10 -5.65 22.08
CA LYS B 88 -22.48 -6.11 22.02
C LYS B 88 -22.60 -7.57 22.42
N ALA B 89 -21.65 -8.40 21.98
CA ALA B 89 -21.66 -9.80 22.36
C ALA B 89 -21.51 -9.96 23.87
N GLY B 90 -20.88 -9.00 24.54
CA GLY B 90 -20.83 -8.96 25.98
C GLY B 90 -22.09 -8.48 26.66
N GLY B 91 -23.12 -8.16 25.89
CA GLY B 91 -24.40 -7.72 26.44
C GLY B 91 -24.65 -6.24 26.35
N ALA B 92 -23.70 -5.45 25.88
CA ALA B 92 -23.87 -4.01 25.86
C ALA B 92 -24.79 -3.57 24.72
N GLU B 93 -25.56 -2.52 24.99
CA GLU B 93 -26.24 -1.78 23.93
C GLU B 93 -25.30 -0.67 23.47
N VAL B 94 -25.04 -0.63 22.16
CA VAL B 94 -23.95 0.17 21.61
C VAL B 94 -24.49 1.17 20.60
N SER B 95 -24.09 2.43 20.76
CA SER B 95 -24.28 3.46 19.74
C SER B 95 -22.90 3.89 19.24
N ALA B 96 -22.87 4.39 18.00
CA ALA B 96 -21.60 4.71 17.37
C ALA B 96 -21.73 5.95 16.50
N ALA B 97 -20.69 6.79 16.54
CA ALA B 97 -20.59 7.96 15.67
C ALA B 97 -19.19 8.01 15.09
N ALA B 98 -19.04 8.76 14.00
CA ALA B 98 -17.76 8.82 13.31
C ALA B 98 -16.77 9.67 14.09
N SER B 99 -15.52 9.20 14.13
CA SER B 99 -14.42 10.01 14.68
C SER B 99 -13.85 10.99 13.66
N ASN B 100 -14.18 10.82 12.38
CA ASN B 100 -13.72 11.69 11.32
C ASN B 100 -14.69 11.57 10.15
N PRO B 101 -15.12 12.69 9.55
CA PRO B 101 -16.16 12.61 8.51
C PRO B 101 -15.75 11.82 7.28
N LEU B 102 -14.45 11.67 7.01
CA LEU B 102 -14.00 11.03 5.79
C LEU B 102 -13.44 9.63 5.98
N SER B 103 -13.31 9.15 7.22
CA SER B 103 -12.78 7.81 7.47
C SER B 103 -13.87 6.74 7.50
N THR B 104 -15.14 7.14 7.58
CA THR B 104 -16.23 6.18 7.64
C THR B 104 -16.30 5.36 6.36
N GLN B 105 -16.56 4.07 6.49
CA GLN B 105 -16.77 3.17 5.36
C GLN B 105 -18.22 2.74 5.35
N ASP B 106 -18.96 3.17 4.33
CA ASP B 106 -20.41 3.10 4.35
C ASP B 106 -20.94 1.66 4.40
N ASP B 107 -20.23 0.71 3.78
CA ASP B 107 -20.73 -0.65 3.79
C ASP B 107 -20.54 -1.30 5.16
N VAL B 108 -19.43 -1.00 5.83
CA VAL B 108 -19.22 -1.50 7.19
C VAL B 108 -20.29 -0.95 8.13
N VAL B 109 -20.60 0.35 7.99
CA VAL B 109 -21.60 0.97 8.84
C VAL B 109 -22.98 0.38 8.57
N ALA B 110 -23.27 0.07 7.31
CA ALA B 110 -24.53 -0.59 6.98
C ALA B 110 -24.66 -1.92 7.71
N ALA B 111 -23.57 -2.69 7.77
CA ALA B 111 -23.59 -3.97 8.47
C ALA B 111 -23.79 -3.76 9.97
N LEU B 112 -23.19 -2.71 10.52
CA LEU B 112 -23.36 -2.43 11.95
C LEU B 112 -24.81 -2.07 12.27
N ALA B 113 -25.45 -1.28 11.40
CA ALA B 113 -26.86 -0.97 11.58
C ALA B 113 -27.71 -2.25 11.53
N LYS B 114 -27.39 -3.14 10.60
CA LYS B 114 -28.10 -4.42 10.53
C LYS B 114 -27.87 -5.26 11.77
N ALA B 115 -26.73 -5.10 12.42
CA ALA B 115 -26.38 -5.88 13.59
C ALA B 115 -27.01 -5.35 14.88
N GLY B 116 -27.70 -4.21 14.83
CA GLY B 116 -28.30 -3.64 16.01
C GLY B 116 -27.49 -2.58 16.70
N VAL B 117 -26.32 -2.22 16.17
CA VAL B 117 -25.56 -1.09 16.68
C VAL B 117 -26.21 0.19 16.20
N LYS B 118 -26.47 1.11 17.12
CA LYS B 118 -27.10 2.38 16.79
C LYS B 118 -26.04 3.34 16.25
N VAL B 119 -25.70 3.15 14.98
CA VAL B 119 -24.63 3.90 14.34
C VAL B 119 -25.24 5.02 13.49
N TYR B 120 -24.69 6.21 13.60
CA TYR B 120 -25.13 7.38 12.84
C TYR B 120 -23.90 7.95 12.14
N ALA B 121 -23.70 7.57 10.87
CA ALA B 121 -22.52 8.02 10.16
C ALA B 121 -22.69 7.81 8.66
N ILE B 122 -22.17 8.74 7.87
CA ILE B 122 -22.12 8.66 6.42
C ILE B 122 -20.80 9.24 5.96
N ARG B 123 -20.10 8.53 5.08
CA ARG B 123 -18.82 9.03 4.58
C ARG B 123 -19.03 10.32 3.81
N GLY B 124 -18.20 11.32 4.09
CA GLY B 124 -18.35 12.62 3.50
C GLY B 124 -19.24 13.57 4.28
N GLU B 125 -19.59 13.22 5.52
CA GLU B 125 -20.39 14.03 6.42
C GLU B 125 -20.03 15.51 6.38
N SER B 126 -21.04 16.38 6.48
CA SER B 126 -20.76 17.78 6.78
C SER B 126 -20.34 17.90 8.24
N ARG B 127 -19.73 19.04 8.58
CA ARG B 127 -19.40 19.30 9.97
C ARG B 127 -20.67 19.33 10.83
N GLU B 128 -21.76 19.86 10.29
CA GLU B 128 -23.01 19.89 11.02
C GLU B 128 -23.57 18.49 11.23
N GLN B 129 -23.53 17.65 10.18
CA GLN B 129 -23.93 16.27 10.33
C GLN B 129 -23.04 15.54 11.34
N TYR B 130 -21.75 15.83 11.32
CA TYR B 130 -20.80 15.20 12.23
C TYR B 130 -21.24 15.37 13.68
N TYR B 131 -21.66 16.57 14.06
CA TYR B 131 -22.07 16.81 15.43
C TYR B 131 -23.52 16.44 15.68
N GLU B 132 -24.37 16.51 14.65
CA GLU B 132 -25.73 16.00 14.79
C GLU B 132 -25.73 14.51 15.06
N PHE B 133 -24.91 13.75 14.34
CA PHE B 133 -24.87 12.30 14.53
C PHE B 133 -24.24 11.94 15.88
N MET B 134 -23.20 12.67 16.28
CA MET B 134 -22.59 12.44 17.58
C MET B 134 -23.61 12.70 18.70
N HIS B 135 -24.48 13.69 18.50
CA HIS B 135 -25.57 13.92 19.44
C HIS B 135 -26.57 12.76 19.42
N LYS B 136 -26.86 12.22 18.24
CA LYS B 136 -27.76 11.07 18.15
C LYS B 136 -27.16 9.85 18.84
N ALA B 137 -25.83 9.68 18.74
CA ALA B 137 -25.18 8.58 19.44
C ALA B 137 -25.28 8.75 20.95
N LEU B 138 -25.24 10.00 21.42
CA LEU B 138 -25.34 10.26 22.85
C LEU B 138 -26.76 10.03 23.38
N ASP B 139 -27.76 10.01 22.49
CA ASP B 139 -29.14 9.79 22.92
C ASP B 139 -29.35 8.41 23.53
N ILE B 140 -28.38 7.51 23.43
CA ILE B 140 -28.49 6.21 24.09
C ILE B 140 -28.42 6.36 25.61
N ARG B 141 -27.96 7.51 26.10
CA ARG B 141 -27.74 7.77 27.52
C ARG B 141 -26.65 6.85 28.04
N PRO B 142 -25.42 6.99 27.56
CA PRO B 142 -24.41 5.95 27.81
C PRO B 142 -23.95 5.93 29.25
N ASN B 143 -23.54 4.73 29.69
CA ASN B 143 -22.79 4.57 30.93
C ASN B 143 -21.29 4.72 30.68
N ILE B 144 -20.83 4.22 29.54
CA ILE B 144 -19.42 4.30 29.16
C ILE B 144 -19.34 4.96 27.79
N ILE B 145 -18.39 5.90 27.66
CA ILE B 145 -18.10 6.54 26.38
C ILE B 145 -16.72 6.08 25.93
N ILE B 146 -16.64 5.58 24.70
CA ILE B 146 -15.38 5.26 24.06
C ILE B 146 -15.12 6.33 23.01
N ASP B 147 -14.01 7.05 23.16
CA ASP B 147 -13.76 8.22 22.34
C ASP B 147 -12.41 8.09 21.63
N ASP B 148 -12.28 8.89 20.57
CA ASP B 148 -11.16 8.83 19.63
C ASP B 148 -10.92 10.26 19.12
N GLY B 149 -10.20 11.04 19.93
CA GLY B 149 -9.99 12.45 19.67
C GLY B 149 -10.63 13.36 20.68
N ALA B 150 -11.43 12.82 21.61
CA ALA B 150 -12.06 13.52 22.72
C ALA B 150 -13.17 14.48 22.28
N ASP B 151 -13.66 14.37 21.04
CA ASP B 151 -14.78 15.21 20.63
C ASP B 151 -16.03 14.88 21.43
N MET B 152 -16.34 13.58 21.55
CA MET B 152 -17.58 13.17 22.22
C MET B 152 -17.55 13.51 23.70
N ILE B 153 -16.44 13.22 24.37
CA ILE B 153 -16.33 13.55 25.79
C ILE B 153 -16.38 15.05 25.99
N SER B 154 -15.79 15.81 25.06
CA SER B 154 -15.90 17.27 25.12
C SER B 154 -17.33 17.71 24.84
N LEU B 155 -18.04 17.02 23.93
CA LEU B 155 -19.38 17.44 23.57
C LEU B 155 -20.35 17.26 24.74
N VAL B 156 -20.18 16.19 25.52
CA VAL B 156 -21.00 16.00 26.71
C VAL B 156 -20.77 17.13 27.70
N HIS B 157 -19.52 17.52 27.88
CA HIS B 157 -19.19 18.57 28.85
C HIS B 157 -19.70 19.93 28.39
N LYS B 158 -19.81 20.15 27.08
CA LYS B 158 -20.25 21.44 26.55
C LYS B 158 -21.75 21.52 26.38
N GLU B 159 -22.38 20.46 25.86
CA GLU B 159 -23.75 20.54 25.38
C GLU B 159 -24.70 19.52 26.00
N ARG B 160 -24.21 18.52 26.72
CA ARG B 160 -25.04 17.47 27.28
C ARG B 160 -24.70 17.25 28.75
N GLN B 161 -24.67 18.33 29.54
CA GLN B 161 -24.32 18.22 30.94
C GLN B 161 -25.35 17.43 31.74
N GLU B 162 -26.56 17.26 31.21
CA GLU B 162 -27.54 16.40 31.86
C GLU B 162 -27.15 14.93 31.80
N MET B 163 -26.22 14.57 30.90
CA MET B 163 -25.74 13.20 30.77
C MET B 163 -24.70 12.82 31.82
N LEU B 164 -24.17 13.80 32.56
CA LEU B 164 -22.98 13.57 33.35
C LEU B 164 -23.25 12.67 34.55
N ASP B 165 -24.49 12.64 35.05
CA ASP B 165 -24.81 11.79 36.20
C ASP B 165 -24.64 10.32 35.85
N GLU B 166 -25.23 9.88 34.74
CA GLU B 166 -25.29 8.48 34.39
C GLU B 166 -23.97 7.93 33.85
N ILE B 167 -23.01 8.79 33.54
CA ILE B 167 -21.79 8.37 32.85
C ILE B 167 -20.79 7.85 33.87
N TRP B 168 -20.47 6.55 33.77
CA TRP B 168 -19.46 5.96 34.63
C TRP B 168 -18.08 6.52 34.33
N GLY B 169 -17.73 6.57 33.05
CA GLY B 169 -16.43 7.09 32.65
C GLY B 169 -16.27 6.99 31.16
N GLY B 170 -15.10 7.45 30.70
CA GLY B 170 -14.78 7.41 29.30
C GLY B 170 -13.38 6.86 29.08
N SER B 171 -13.12 6.44 27.85
CA SER B 171 -11.81 5.97 27.43
C SER B 171 -11.41 6.69 26.15
N GLU B 172 -10.18 7.18 26.12
CA GLU B 172 -9.67 7.95 24.99
C GLU B 172 -8.60 7.16 24.26
N GLU B 173 -8.72 7.09 22.94
CA GLU B 173 -7.90 6.19 22.15
C GLU B 173 -6.55 6.79 21.78
N THR B 174 -6.46 8.11 21.59
CA THR B 174 -5.35 8.69 20.86
C THR B 174 -4.67 9.80 21.67
N THR B 175 -3.47 10.16 21.18
CA THR B 175 -2.64 11.17 21.84
C THR B 175 -3.34 12.52 21.90
N THR B 176 -3.94 12.95 20.78
CA THR B 176 -4.57 14.26 20.75
C THR B 176 -5.72 14.36 21.75
N GLY B 177 -6.52 13.31 21.87
CA GLY B 177 -7.63 13.34 22.81
C GLY B 177 -7.17 13.34 24.25
N VAL B 178 -6.11 12.59 24.56
CA VAL B 178 -5.60 12.54 25.93
C VAL B 178 -5.07 13.91 26.35
N ILE B 179 -4.41 14.61 25.42
CA ILE B 179 -3.94 15.97 25.72
C ILE B 179 -5.12 16.87 26.07
N ARG B 180 -6.19 16.80 25.28
CA ARG B 180 -7.38 17.59 25.56
C ARG B 180 -7.94 17.25 26.93
N LEU B 181 -8.05 15.96 27.24
CA LEU B 181 -8.67 15.54 28.49
C LEU B 181 -7.82 15.89 29.70
N ARG B 182 -6.50 15.71 29.60
CA ARG B 182 -5.63 16.14 30.69
C ARG B 182 -5.71 17.65 30.89
N ALA B 183 -5.92 18.41 29.81
CA ALA B 183 -6.12 19.85 29.95
C ALA B 183 -7.45 20.15 30.64
N MET B 184 -8.50 19.41 30.30
CA MET B 184 -9.77 19.57 30.99
C MET B 184 -9.63 19.25 32.48
N GLU B 185 -8.87 18.22 32.81
CA GLU B 185 -8.64 17.89 34.21
C GLU B 185 -7.88 19.00 34.93
N LYS B 186 -6.84 19.52 34.28
CA LYS B 186 -6.04 20.59 34.89
C LYS B 186 -6.90 21.82 35.19
N ALA B 187 -7.78 22.18 34.27
CA ALA B 187 -8.69 23.31 34.47
C ALA B 187 -9.90 22.95 35.32
N GLY B 188 -10.03 21.70 35.74
CA GLY B 188 -11.10 21.29 36.62
C GLY B 188 -12.47 21.18 35.99
N ILE B 189 -12.54 21.06 34.66
CA ILE B 189 -13.83 20.93 33.99
C ILE B 189 -14.21 19.48 33.73
N LEU B 190 -13.29 18.54 33.88
CA LEU B 190 -13.61 17.12 33.72
C LEU B 190 -14.50 16.66 34.87
N LYS B 191 -15.59 15.95 34.53
CA LYS B 191 -16.58 15.56 35.52
C LYS B 191 -16.68 14.07 35.75
N PHE B 192 -16.02 13.24 34.96
CA PHE B 192 -16.08 11.80 35.17
C PHE B 192 -14.74 11.18 34.81
N PRO B 193 -14.42 10.00 35.36
CA PRO B 193 -13.11 9.40 35.11
C PRO B 193 -12.86 9.14 33.63
N VAL B 194 -11.59 9.14 33.24
CA VAL B 194 -11.18 8.93 31.87
C VAL B 194 -9.98 7.99 31.85
N ILE B 195 -10.05 6.95 31.02
CA ILE B 195 -8.96 6.02 30.83
C ILE B 195 -8.18 6.45 29.59
N ALA B 196 -6.89 6.76 29.76
CA ALA B 196 -6.03 7.16 28.65
C ALA B 196 -5.46 5.89 28.01
N VAL B 197 -6.28 5.26 27.16
CA VAL B 197 -5.88 4.02 26.50
C VAL B 197 -4.64 4.24 25.64
N ASN B 198 -4.48 5.43 25.07
CA ASN B 198 -3.31 5.73 24.26
C ASN B 198 -2.03 5.58 25.05
N ASP B 199 -2.08 5.79 26.37
CA ASP B 199 -0.89 5.75 27.20
C ASP B 199 -0.49 4.35 27.64
N SER B 200 -1.20 3.31 27.21
CA SER B 200 -0.80 1.95 27.51
C SER B 200 0.37 1.55 26.62
N TYR B 201 1.32 0.82 27.21
CA TYR B 201 2.47 0.35 26.44
C TYR B 201 2.05 -0.39 25.19
N MET B 202 1.11 -1.33 25.34
CA MET B 202 0.59 -2.11 24.22
C MET B 202 -0.14 -1.27 23.19
N LYS B 203 -0.33 0.03 23.45
CA LYS B 203 -0.96 0.90 22.47
C LYS B 203 0.08 1.77 21.76
N TYR B 204 0.68 2.72 22.48
CA TYR B 204 1.49 3.72 21.80
C TYR B 204 2.82 3.15 21.28
N LEU B 205 3.31 2.07 21.89
CA LEU B 205 4.52 1.44 21.37
C LEU B 205 4.27 0.65 20.09
N PHE B 206 3.01 0.33 19.79
CA PHE B 206 2.69 -0.53 18.66
C PHE B 206 1.76 0.16 17.67
N ASP B 207 0.56 0.55 18.12
CA ASP B 207 -0.36 1.32 17.28
C ASP B 207 0.33 2.56 16.72
N ASN B 208 0.77 3.45 17.61
CA ASN B 208 1.26 4.75 17.19
C ASN B 208 2.51 4.63 16.33
N ARG B 209 3.37 3.67 16.64
CA ARG B 209 4.65 3.57 15.93
C ARG B 209 4.56 2.63 14.72
N TYR B 210 4.30 1.35 14.97
CA TYR B 210 4.31 0.38 13.89
C TYR B 210 3.06 0.47 13.01
N GLY B 211 1.90 0.72 13.63
CA GLY B 211 0.67 0.84 12.85
C GLY B 211 0.69 2.04 11.93
N THR B 212 0.99 3.21 12.48
CA THR B 212 1.06 4.42 11.66
C THR B 212 2.19 4.35 10.64
N GLY B 213 3.30 3.71 10.99
CA GLY B 213 4.40 3.59 10.05
C GLY B 213 4.00 2.86 8.77
N GLN B 214 3.27 1.75 8.92
CA GLN B 214 2.84 1.00 7.74
C GLN B 214 1.69 1.68 7.02
N SER B 215 0.63 2.02 7.75
CA SER B 215 -0.61 2.47 7.12
C SER B 215 -0.50 3.87 6.53
N THR B 216 0.43 4.70 7.01
CA THR B 216 0.63 6.00 6.37
C THR B 216 1.14 5.84 4.95
N TRP B 217 2.11 4.95 4.75
CA TRP B 217 2.65 4.75 3.42
C TRP B 217 1.73 3.90 2.57
N ASP B 218 1.03 2.95 3.18
CA ASP B 218 -0.09 2.29 2.51
C ASP B 218 -1.01 3.32 1.85
N GLY B 219 -1.42 4.33 2.61
CA GLY B 219 -2.34 5.32 2.07
C GLY B 219 -1.70 6.23 1.03
N ILE B 220 -0.42 6.57 1.22
CA ILE B 220 0.25 7.49 0.30
C ILE B 220 0.48 6.82 -1.05
N MET B 221 0.97 5.57 -1.05
CA MET B 221 1.10 4.83 -2.30
C MET B 221 -0.26 4.63 -2.97
N ARG B 222 -1.28 4.28 -2.18
CA ARG B 222 -2.60 4.02 -2.75
C ARG B 222 -3.14 5.25 -3.46
N ALA B 223 -2.91 6.43 -2.89
CA ALA B 223 -3.48 7.65 -3.46
C ALA B 223 -2.71 8.13 -4.69
N THR B 224 -1.39 7.92 -4.72
CA THR B 224 -0.54 8.57 -5.71
C THR B 224 0.10 7.64 -6.73
N ASN B 225 0.33 6.37 -6.38
CA ASN B 225 1.05 5.43 -7.25
C ASN B 225 2.45 5.95 -7.57
N LEU B 226 3.08 6.63 -6.62
CA LEU B 226 4.40 7.20 -6.83
C LEU B 226 5.46 6.42 -6.06
N LEU B 227 6.70 6.56 -6.50
CA LEU B 227 7.81 5.83 -5.94
C LEU B 227 8.26 6.46 -4.63
N ILE B 228 8.49 5.62 -3.62
CA ILE B 228 8.99 6.12 -2.34
C ILE B 228 10.51 6.13 -2.30
N ALA B 229 11.14 5.11 -2.88
CA ALA B 229 12.60 5.04 -2.89
C ALA B 229 13.19 6.22 -3.66
N GLY B 230 14.33 6.71 -3.17
CA GLY B 230 15.00 7.82 -3.81
C GLY B 230 14.33 9.16 -3.68
N LYS B 231 13.32 9.28 -2.83
CA LYS B 231 12.67 10.55 -2.56
C LYS B 231 13.21 11.15 -1.27
N ASN B 232 13.09 12.47 -1.16
CA ASN B 232 13.32 13.16 0.11
C ASN B 232 12.00 13.22 0.86
N VAL B 233 11.88 12.40 1.90
CA VAL B 233 10.67 12.35 2.71
C VAL B 233 10.92 13.17 3.97
N VAL B 234 10.10 14.20 4.18
CA VAL B 234 10.18 15.05 5.35
C VAL B 234 9.10 14.63 6.32
N VAL B 235 9.52 14.23 7.52
CA VAL B 235 8.61 13.82 8.59
C VAL B 235 8.64 14.90 9.67
N VAL B 236 7.49 15.52 9.92
CA VAL B 236 7.36 16.57 10.91
C VAL B 236 6.83 15.95 12.19
N GLY B 237 7.68 15.93 13.21
CA GLY B 237 7.38 15.24 14.45
C GLY B 237 8.10 13.92 14.55
N TYR B 238 8.88 13.73 15.61
CA TYR B 238 9.58 12.48 15.86
C TYR B 238 9.14 11.87 17.18
N GLY B 239 7.84 11.92 17.45
CA GLY B 239 7.25 11.14 18.51
C GLY B 239 7.08 9.70 18.09
N TRP B 240 6.05 9.05 18.62
CA TRP B 240 5.86 7.63 18.31
C TRP B 240 5.38 7.44 16.88
N CYS B 241 4.44 8.27 16.42
CA CYS B 241 4.02 8.20 15.02
C CYS B 241 5.14 8.60 14.07
N GLY B 242 5.80 9.73 14.36
CA GLY B 242 6.87 10.18 13.51
C GLY B 242 7.99 9.15 13.39
N ARG B 243 8.37 8.56 14.52
CA ARG B 243 9.33 7.45 14.50
C ARG B 243 8.91 6.37 13.51
N GLY B 244 7.65 5.93 13.62
CA GLY B 244 7.20 4.85 12.75
C GLY B 244 7.15 5.25 11.29
N ILE B 245 6.64 6.45 11.00
CA ILE B 245 6.59 6.92 9.62
C ILE B 245 7.98 7.03 9.04
N ALA B 246 8.92 7.59 9.82
CA ALA B 246 10.30 7.72 9.34
C ALA B 246 10.93 6.35 9.13
N MET B 247 10.74 5.45 10.09
CA MET B 247 11.35 4.12 10.00
C MET B 247 10.90 3.36 8.77
N ARG B 248 9.60 3.41 8.47
CA ARG B 248 9.07 2.68 7.32
C ARG B 248 9.36 3.40 6.01
N ALA B 249 9.46 4.74 6.04
CA ALA B 249 9.87 5.47 4.85
C ALA B 249 11.29 5.09 4.45
N ARG B 250 12.20 5.03 5.44
CA ARG B 250 13.55 4.55 5.17
C ARG B 250 13.52 3.10 4.67
N GLY B 251 12.66 2.28 5.26
CA GLY B 251 12.56 0.89 4.82
C GLY B 251 12.11 0.77 3.38
N LEU B 252 11.40 1.77 2.86
CA LEU B 252 10.95 1.79 1.47
C LEU B 252 11.90 2.53 0.55
N GLY B 253 13.09 2.90 1.04
CA GLY B 253 14.14 3.44 0.19
C GLY B 253 14.28 4.94 0.17
N ALA B 254 13.54 5.66 1.01
CA ALA B 254 13.58 7.12 0.97
C ALA B 254 14.72 7.67 1.81
N THR B 255 15.17 8.87 1.44
CA THR B 255 15.97 9.69 2.33
C THR B 255 15.04 10.48 3.23
N VAL B 256 15.22 10.35 4.54
CA VAL B 256 14.27 10.87 5.52
C VAL B 256 14.87 12.07 6.21
N ILE B 257 14.11 13.16 6.27
CA ILE B 257 14.48 14.38 6.98
C ILE B 257 13.47 14.58 8.09
N VAL B 258 13.94 14.71 9.32
CA VAL B 258 13.09 14.85 10.49
C VAL B 258 13.08 16.31 10.94
N VAL B 259 11.89 16.85 11.18
CA VAL B 259 11.71 18.18 11.74
C VAL B 259 11.08 18.04 13.11
N GLU B 260 11.75 18.53 14.13
CA GLU B 260 11.29 18.39 15.50
C GLU B 260 11.44 19.72 16.23
N VAL B 261 10.68 19.85 17.33
CA VAL B 261 10.89 20.94 18.28
C VAL B 261 11.52 20.45 19.57
N ASP B 262 11.53 19.14 19.83
CA ASP B 262 12.16 18.58 21.01
C ASP B 262 13.63 18.31 20.70
N PRO B 263 14.57 18.94 21.40
CA PRO B 263 15.99 18.71 21.09
C PRO B 263 16.45 17.28 21.35
N ILE B 264 15.88 16.60 22.35
CA ILE B 264 16.26 15.23 22.61
C ILE B 264 15.83 14.33 21.46
N LYS B 265 14.59 14.46 21.01
CA LYS B 265 14.10 13.64 19.91
C LYS B 265 14.81 13.98 18.60
N ALA B 266 15.22 15.23 18.43
CA ALA B 266 15.99 15.59 17.24
C ALA B 266 17.31 14.83 17.20
N LEU B 267 17.97 14.68 18.36
CA LEU B 267 19.21 13.91 18.42
C LEU B 267 18.95 12.42 18.20
N GLU B 268 17.82 11.91 18.69
CA GLU B 268 17.45 10.53 18.41
C GLU B 268 17.33 10.28 16.91
N ALA B 269 16.70 11.22 16.20
CA ALA B 269 16.55 11.06 14.75
C ALA B 269 17.90 11.05 14.05
N ARG B 270 18.83 11.92 14.49
CA ARG B 270 20.17 11.92 13.92
C ARG B 270 20.84 10.57 14.12
N MET B 271 20.77 10.05 15.35
CA MET B 271 21.42 8.77 15.64
C MET B 271 20.75 7.62 14.93
N ASP B 272 19.45 7.75 14.63
CA ASP B 272 18.76 6.76 13.81
C ASP B 272 19.15 6.84 12.35
N GLY B 273 20.00 7.79 11.98
CA GLY B 273 20.48 7.92 10.61
C GLY B 273 19.75 8.91 9.74
N PHE B 274 18.89 9.74 10.31
CA PHE B 274 18.10 10.67 9.52
C PHE B 274 18.69 12.07 9.59
N LEU B 275 18.47 12.83 8.52
CA LEU B 275 18.79 14.25 8.54
C LEU B 275 17.81 14.99 9.44
N VAL B 276 18.30 16.04 10.08
CA VAL B 276 17.49 16.87 10.98
C VAL B 276 17.70 18.33 10.61
N MET B 277 16.60 19.04 10.39
CA MET B 277 16.64 20.44 9.99
C MET B 277 15.30 21.07 10.33
N ASP B 278 15.23 22.39 10.19
CA ASP B 278 14.00 23.09 10.51
C ASP B 278 13.03 23.07 9.34
N MET B 279 11.81 23.52 9.59
CA MET B 279 10.73 23.34 8.62
C MET B 279 11.00 24.13 7.34
N LYS B 280 11.58 25.32 7.44
CA LYS B 280 11.87 26.11 6.25
C LYS B 280 12.92 25.42 5.38
N GLU B 281 14.00 24.94 6.00
CA GLU B 281 15.04 24.24 5.25
C GLU B 281 14.50 22.94 4.63
N ALA B 282 13.67 22.22 5.38
CA ALA B 282 13.10 20.98 4.87
C ALA B 282 12.13 21.24 3.72
N ALA B 283 11.39 22.35 3.78
CA ALA B 283 10.44 22.66 2.72
C ALA B 283 11.11 22.84 1.37
N LYS B 284 12.38 23.25 1.36
CA LYS B 284 13.05 23.52 0.10
C LYS B 284 13.42 22.25 -0.65
N ILE B 285 13.60 21.13 0.05
CA ILE B 285 14.16 19.92 -0.55
C ILE B 285 13.23 18.72 -0.48
N GLY B 286 12.13 18.78 0.28
CA GLY B 286 11.28 17.62 0.43
C GLY B 286 10.46 17.33 -0.81
N ASP B 287 10.32 16.04 -1.12
CA ASP B 287 9.42 15.58 -2.17
C ASP B 287 8.07 15.17 -1.59
N ILE B 288 8.07 14.53 -0.43
CA ILE B 288 6.87 14.11 0.27
C ILE B 288 6.96 14.60 1.70
N PHE B 289 5.90 15.26 2.17
CA PHE B 289 5.84 15.79 3.53
C PHE B 289 4.76 15.05 4.30
N VAL B 290 5.09 14.61 5.51
CA VAL B 290 4.15 13.92 6.39
C VAL B 290 4.23 14.57 7.76
N THR B 291 3.09 15.06 8.24
CA THR B 291 2.99 15.66 9.57
C THR B 291 2.41 14.65 10.56
N ALA B 292 3.04 14.56 11.72
CA ALA B 292 2.61 13.67 12.81
C ALA B 292 2.94 14.33 14.14
N THR B 293 2.44 15.56 14.32
CA THR B 293 2.76 16.35 15.51
C THR B 293 1.63 16.44 16.52
N GLY B 294 0.38 16.30 16.09
CA GLY B 294 -0.71 16.63 16.98
C GLY B 294 -0.80 18.11 17.29
N ASN B 295 -0.16 18.94 16.47
CA ASN B 295 -0.08 20.38 16.68
C ASN B 295 -0.67 21.10 15.48
N ILE B 296 -0.83 22.40 15.60
CA ILE B 296 -1.48 23.22 14.59
C ILE B 296 -0.42 23.98 13.80
N LYS B 297 -0.61 24.04 12.48
CA LYS B 297 0.16 24.94 11.60
C LYS B 297 1.65 24.59 11.59
N CYS B 298 1.98 23.30 11.63
CA CYS B 298 3.38 22.92 11.51
CA CYS B 298 3.37 22.87 11.50
C CYS B 298 3.89 23.05 10.08
N ILE B 299 3.00 23.11 9.09
CA ILE B 299 3.32 23.48 7.72
C ILE B 299 2.31 24.53 7.30
N ARG B 300 2.80 25.70 6.90
CA ARG B 300 1.92 26.85 6.68
C ARG B 300 2.45 27.66 5.50
N ARG B 301 1.90 28.87 5.34
CA ARG B 301 2.11 29.71 4.17
C ARG B 301 3.55 29.75 3.69
N GLU B 302 4.46 30.16 4.58
CA GLU B 302 5.86 30.35 4.18
C GLU B 302 6.50 29.04 3.72
N HIS B 303 6.01 27.91 4.21
CA HIS B 303 6.58 26.62 3.80
C HIS B 303 6.07 26.22 2.41
N PHE B 304 4.78 26.42 2.14
CA PHE B 304 4.25 26.15 0.81
C PHE B 304 4.96 27.00 -0.24
N GLU B 305 5.33 28.23 0.11
CA GLU B 305 5.99 29.11 -0.84
C GLU B 305 7.36 28.59 -1.25
N LEU B 306 8.00 27.80 -0.39
CA LEU B 306 9.34 27.30 -0.65
C LEU B 306 9.36 25.96 -1.36
N MET B 307 8.21 25.29 -1.45
CA MET B 307 8.17 23.89 -1.86
C MET B 307 8.43 23.73 -3.35
N LYS B 308 9.01 22.59 -3.72
CA LYS B 308 9.25 22.29 -5.11
C LYS B 308 7.94 22.01 -5.85
N ASP B 309 7.98 22.16 -7.17
CA ASP B 309 6.86 21.77 -8.00
C ASP B 309 6.56 20.28 -7.83
N GLY B 310 5.29 19.96 -7.59
CA GLY B 310 4.88 18.58 -7.47
C GLY B 310 5.02 17.99 -6.08
N ALA B 311 5.25 18.80 -5.06
CA ALA B 311 5.40 18.29 -3.71
C ALA B 311 4.12 17.59 -3.25
N ILE B 312 4.30 16.47 -2.56
CA ILE B 312 3.19 15.71 -1.98
C ILE B 312 3.14 16.00 -0.49
N MET B 313 1.95 16.28 0.04
CA MET B 313 1.78 16.57 1.46
C MET B 313 0.66 15.71 2.02
N ALA B 314 0.88 15.18 3.23
CA ALA B 314 -0.10 14.33 3.88
C ALA B 314 0.01 14.51 5.39
N ASN B 315 -1.13 14.38 6.06
CA ASN B 315 -1.21 14.48 7.51
C ASN B 315 -1.52 13.12 8.10
N ALA B 316 -0.72 12.70 9.07
CA ALA B 316 -0.96 11.47 9.81
C ALA B 316 -1.44 11.73 11.23
N GLY B 317 -1.59 13.00 11.62
CA GLY B 317 -2.06 13.34 12.93
C GLY B 317 -3.50 13.83 12.93
N HIS B 318 -4.02 14.02 14.14
CA HIS B 318 -5.35 14.56 14.44
C HIS B 318 -5.92 15.53 13.42
N PHE B 319 -7.24 15.51 13.27
CA PHE B 319 -8.02 16.59 12.65
C PHE B 319 -7.45 16.88 11.26
N ASP B 320 -7.34 18.16 10.89
CA ASP B 320 -6.77 18.55 9.60
C ASP B 320 -6.10 19.90 9.73
N VAL B 321 -5.48 20.16 10.87
CA VAL B 321 -4.93 21.47 11.20
C VAL B 321 -3.41 21.50 11.21
N GLU B 322 -2.75 20.34 11.02
CA GLU B 322 -1.30 20.34 11.00
C GLU B 322 -0.75 20.99 9.73
N ILE B 323 -1.31 20.64 8.58
CA ILE B 323 -1.05 21.35 7.34
C ILE B 323 -2.15 22.38 7.15
N TRP B 324 -1.79 23.66 7.20
CA TRP B 324 -2.80 24.72 7.30
C TRP B 324 -3.42 24.98 5.92
N LYS B 325 -4.58 24.38 5.68
CA LYS B 325 -5.29 24.52 4.41
C LYS B 325 -5.60 25.96 4.03
N PRO B 326 -6.08 26.84 4.92
CA PRO B 326 -6.39 28.22 4.50
C PRO B 326 -5.23 28.93 3.84
N ASP B 327 -3.99 28.64 4.26
CA ASP B 327 -2.83 29.24 3.62
C ASP B 327 -2.65 28.72 2.19
N LEU B 328 -2.89 27.42 2.00
CA LEU B 328 -2.83 26.85 0.65
C LEU B 328 -3.87 27.47 -0.26
N GLU B 329 -5.09 27.68 0.26
CA GLU B 329 -6.15 28.24 -0.56
C GLU B 329 -5.85 29.68 -0.96
N LYS B 330 -5.29 30.48 -0.05
CA LYS B 330 -4.95 31.85 -0.38
C LYS B 330 -3.84 31.92 -1.43
N LEU B 331 -2.89 30.98 -1.40
CA LEU B 331 -1.82 30.97 -2.38
C LEU B 331 -2.32 30.53 -3.75
N ALA B 332 -3.35 29.69 -3.78
CA ALA B 332 -3.78 29.03 -4.99
C ALA B 332 -4.55 29.96 -5.91
N VAL B 333 -4.17 29.98 -7.18
CA VAL B 333 -5.01 30.57 -8.22
C VAL B 333 -5.96 29.52 -8.82
N GLU B 334 -5.68 28.25 -8.64
CA GLU B 334 -6.51 27.15 -9.12
C GLU B 334 -6.47 26.02 -8.10
N ILE B 335 -7.63 25.43 -7.84
CA ILE B 335 -7.75 24.27 -6.96
C ILE B 335 -8.41 23.16 -7.78
N ASN B 336 -7.65 22.11 -8.05
CA ASN B 336 -8.11 21.01 -8.90
C ASN B 336 -8.07 19.69 -8.13
N ASN B 337 -8.65 18.66 -8.74
CA ASN B 337 -8.82 17.35 -8.11
C ASN B 337 -8.42 16.28 -9.12
N PRO B 338 -7.12 16.08 -9.34
CA PRO B 338 -6.69 15.15 -10.40
C PRO B 338 -6.90 13.68 -10.08
N ARG B 339 -6.93 13.30 -8.81
CA ARG B 339 -7.20 11.93 -8.41
C ARG B 339 -8.11 11.97 -7.19
N PRO B 340 -8.82 10.88 -6.91
CA PRO B 340 -9.46 10.75 -5.60
C PRO B 340 -8.43 10.88 -4.49
N ASN B 341 -8.76 11.70 -3.48
CA ASN B 341 -7.91 11.97 -2.33
C ASN B 341 -6.64 12.74 -2.69
N VAL B 342 -6.64 13.46 -3.82
CA VAL B 342 -5.55 14.36 -4.18
C VAL B 342 -6.15 15.69 -4.56
N THR B 343 -5.85 16.72 -3.77
CA THR B 343 -6.21 18.10 -4.10
C THR B 343 -4.99 18.81 -4.63
N GLU B 344 -5.14 19.50 -5.76
CA GLU B 344 -4.05 20.20 -6.41
C GLU B 344 -4.24 21.69 -6.22
N TYR B 345 -3.25 22.33 -5.58
CA TYR B 345 -3.23 23.78 -5.42
C TYR B 345 -2.21 24.36 -6.39
N LYS B 346 -2.69 24.99 -7.46
CA LYS B 346 -1.84 25.63 -8.45
C LYS B 346 -1.55 27.05 -8.00
N LEU B 347 -0.27 27.39 -7.88
CA LEU B 347 0.15 28.69 -7.39
C LEU B 347 0.42 29.66 -8.54
N LYS B 348 0.67 30.92 -8.18
CA LYS B 348 0.80 31.99 -9.17
C LYS B 348 1.93 31.70 -10.15
N ASP B 349 3.03 31.13 -9.69
CA ASP B 349 4.17 30.85 -10.56
C ASP B 349 4.02 29.54 -11.33
N GLY B 350 2.85 28.91 -11.28
CA GLY B 350 2.62 27.67 -12.01
C GLY B 350 2.92 26.40 -11.26
N ARG B 351 3.59 26.49 -10.11
CA ARG B 351 3.85 25.31 -9.30
C ARG B 351 2.54 24.68 -8.85
N ARG B 352 2.57 23.36 -8.69
CA ARG B 352 1.41 22.61 -8.21
C ARG B 352 1.82 21.82 -6.98
N LEU B 353 1.12 22.07 -5.87
CA LEU B 353 1.31 21.32 -4.63
C LEU B 353 0.10 20.44 -4.40
N TYR B 354 0.34 19.21 -3.97
CA TYR B 354 -0.69 18.19 -3.84
C TYR B 354 -0.89 17.85 -2.37
N LEU B 355 -2.10 18.09 -1.87
CA LEU B 355 -2.50 17.69 -0.53
C LEU B 355 -3.34 16.43 -0.61
N LEU B 356 -2.94 15.40 0.13
CA LEU B 356 -3.64 14.12 0.12
C LEU B 356 -4.75 14.11 1.16
N ALA B 357 -5.87 13.49 0.79
CA ALA B 357 -6.98 13.21 1.72
C ALA B 357 -7.50 14.47 2.40
N ASP B 358 -7.46 15.61 1.71
CA ASP B 358 -7.94 16.88 2.24
C ASP B 358 -7.23 17.24 3.55
N GLY B 359 -5.99 16.79 3.71
CA GLY B 359 -5.24 17.08 4.91
C GLY B 359 -5.67 16.33 6.15
N ARG B 360 -6.53 15.33 6.01
CA ARG B 360 -6.94 14.49 7.12
C ARG B 360 -6.15 13.19 7.14
N LEU B 361 -6.25 12.47 8.26
CA LEU B 361 -5.58 11.19 8.48
C LEU B 361 -5.45 10.36 7.21
N VAL B 362 -4.27 10.41 6.58
CA VAL B 362 -4.12 9.83 5.25
C VAL B 362 -4.26 8.32 5.28
N ASN B 363 -3.90 7.68 6.39
CA ASN B 363 -4.01 6.23 6.46
C ASN B 363 -5.46 5.79 6.50
N LEU B 364 -6.32 6.56 7.14
CA LEU B 364 -7.72 6.19 7.32
C LEU B 364 -8.62 6.72 6.22
N VAL B 365 -8.20 7.75 5.49
CA VAL B 365 -9.03 8.35 4.45
C VAL B 365 -8.64 7.84 3.06
N ALA B 366 -7.34 7.70 2.80
CA ALA B 366 -6.86 7.19 1.53
C ALA B 366 -6.59 5.68 1.54
N ALA B 367 -6.69 5.05 2.72
CA ALA B 367 -6.52 3.60 2.82
C ALA B 367 -7.51 3.02 3.83
N ASP B 368 -7.13 1.90 4.46
CA ASP B 368 -8.01 1.16 5.36
C ASP B 368 -7.56 1.24 6.82
N GLY B 369 -6.84 2.31 7.17
CA GLY B 369 -6.34 2.46 8.53
C GLY B 369 -5.24 1.46 8.86
N HIS B 370 -4.88 1.42 10.14
CA HIS B 370 -3.90 0.49 10.67
C HIS B 370 -4.25 -0.95 10.25
N PRO B 371 -3.27 -1.82 10.07
CA PRO B 371 -3.59 -3.23 9.77
C PRO B 371 -4.33 -3.89 10.93
N ALA B 372 -4.96 -5.02 10.61
CA ALA B 372 -5.88 -5.64 11.57
C ALA B 372 -5.18 -6.07 12.85
N GLU B 373 -4.00 -6.68 12.72
CA GLU B 373 -3.31 -7.19 13.92
C GLU B 373 -2.89 -6.06 14.85
N ILE B 374 -2.68 -4.86 14.33
CA ILE B 374 -2.38 -3.71 15.18
C ILE B 374 -3.63 -3.27 15.93
N MET B 375 -4.73 -3.07 15.20
CA MET B 375 -5.98 -2.66 15.84
C MET B 375 -6.49 -3.72 16.80
N ASP B 376 -6.12 -4.98 16.59
CA ASP B 376 -6.46 -6.05 17.52
C ASP B 376 -5.98 -5.71 18.93
N MET B 377 -4.72 -5.30 19.05
CA MET B 377 -4.16 -5.01 20.37
C MET B 377 -4.71 -3.69 20.93
N SER B 378 -4.84 -2.68 20.07
CA SER B 378 -5.38 -1.39 20.52
C SER B 378 -6.82 -1.54 21.02
N PHE B 379 -7.65 -2.27 20.28
CA PHE B 379 -9.05 -2.40 20.66
C PHE B 379 -9.27 -3.47 21.71
N ALA B 380 -8.35 -4.40 21.87
CA ALA B 380 -8.36 -5.25 23.06
C ALA B 380 -8.22 -4.40 24.31
N LEU B 381 -7.30 -3.44 24.29
CA LEU B 381 -7.15 -2.52 25.41
C LEU B 381 -8.42 -1.69 25.61
N GLN B 382 -9.06 -1.28 24.52
CA GLN B 382 -10.31 -0.52 24.62
C GLN B 382 -11.39 -1.36 25.29
N ALA B 383 -11.53 -2.62 24.87
CA ALA B 383 -12.49 -3.52 25.51
C ALA B 383 -12.15 -3.71 26.98
N LYS B 384 -10.87 -3.86 27.30
CA LYS B 384 -10.47 -3.98 28.70
C LYS B 384 -10.75 -2.69 29.46
N ALA B 385 -10.55 -1.54 28.81
CA ALA B 385 -10.81 -0.26 29.46
C ALA B 385 -12.30 -0.08 29.77
N ALA B 386 -13.17 -0.47 28.84
CA ALA B 386 -14.61 -0.42 29.10
C ALA B 386 -14.99 -1.32 30.25
N GLU B 387 -14.40 -2.52 30.31
CA GLU B 387 -14.63 -3.42 31.44
C GLU B 387 -14.02 -2.85 32.71
N TYR B 388 -12.89 -2.16 32.59
CA TYR B 388 -12.25 -1.54 33.75
C TYR B 388 -13.13 -0.45 34.34
N ILE B 389 -13.67 0.42 33.49
CA ILE B 389 -14.58 1.47 33.96
C ILE B 389 -15.79 0.85 34.64
N LYS B 390 -16.35 -0.19 34.01
CA LYS B 390 -17.50 -0.90 34.58
C LYS B 390 -17.17 -1.42 35.98
N ASP B 391 -15.95 -1.91 36.18
CA ASP B 391 -15.57 -2.54 37.44
C ASP B 391 -15.00 -1.56 38.46
N ASN B 392 -14.79 -0.29 38.10
CA ASN B 392 -14.08 0.61 38.99
C ASN B 392 -14.66 2.02 39.09
N HIS B 393 -15.73 2.34 38.35
CA HIS B 393 -16.17 3.73 38.28
C HIS B 393 -16.57 4.28 39.64
N GLU B 394 -17.05 3.43 40.55
CA GLU B 394 -17.40 3.91 41.88
C GLU B 394 -16.18 4.14 42.75
N ARG B 395 -14.99 3.76 42.30
CA ARG B 395 -13.75 3.98 43.04
C ARG B 395 -12.83 5.00 42.38
N LEU B 396 -13.27 5.61 41.28
CA LEU B 396 -12.42 6.51 40.50
C LEU B 396 -12.86 7.95 40.68
N GLU B 397 -11.94 8.86 40.40
CA GLU B 397 -12.14 10.29 40.50
C GLU B 397 -12.20 10.92 39.12
N PRO B 398 -12.83 12.10 38.98
CA PRO B 398 -12.89 12.73 37.65
C PRO B 398 -11.53 13.20 37.18
N LYS B 399 -10.66 12.26 36.83
CA LYS B 399 -9.33 12.58 36.34
C LYS B 399 -8.89 11.48 35.37
N VAL B 400 -7.70 11.65 34.81
CA VAL B 400 -7.21 10.78 33.74
C VAL B 400 -6.39 9.66 34.35
N TYR B 401 -6.79 8.41 34.07
CA TYR B 401 -6.10 7.24 34.55
C TYR B 401 -5.47 6.46 33.39
N ILE B 402 -4.48 5.65 33.72
CA ILE B 402 -3.86 4.71 32.80
C ILE B 402 -4.11 3.30 33.34
N LEU B 403 -4.44 2.38 32.43
CA LEU B 403 -4.75 1.01 32.83
C LEU B 403 -3.57 0.39 33.57
N PRO B 404 -3.84 -0.48 34.54
CA PRO B 404 -2.75 -1.19 35.22
C PRO B 404 -1.93 -2.00 34.21
N ARG B 405 -0.62 -2.02 34.42
CA ARG B 405 0.27 -2.67 33.46
C ARG B 405 0.02 -4.16 33.32
N GLU B 406 -0.68 -4.76 34.29
CA GLU B 406 -1.05 -6.17 34.18
C GLU B 406 -1.92 -6.43 32.95
N ILE B 407 -2.72 -5.43 32.54
CA ILE B 407 -3.53 -5.59 31.35
C ILE B 407 -2.67 -5.55 30.10
N ASP B 408 -1.67 -4.66 30.08
CA ASP B 408 -0.71 -4.64 28.98
C ASP B 408 -0.04 -6.00 28.82
N GLU B 409 0.40 -6.59 29.94
CA GLU B 409 1.08 -7.88 29.87
C GLU B 409 0.15 -8.99 29.40
N MET B 410 -1.11 -8.95 29.85
CA MET B 410 -2.08 -9.93 29.38
C MET B 410 -2.24 -9.86 27.87
N VAL B 411 -2.42 -8.65 27.33
CA VAL B 411 -2.57 -8.48 25.89
C VAL B 411 -1.35 -9.01 25.15
N ALA B 412 -0.15 -8.68 25.64
CA ALA B 412 1.07 -9.13 24.99
C ALA B 412 1.25 -10.64 25.09
N ARG B 413 0.80 -11.24 26.19
CA ARG B 413 0.95 -12.69 26.34
C ARG B 413 -0.04 -13.44 25.47
N ILE B 414 -1.26 -12.93 25.34
CA ILE B 414 -2.23 -13.54 24.43
C ILE B 414 -1.74 -13.46 23.00
N LYS B 415 -1.17 -12.32 22.62
CA LYS B 415 -0.67 -12.16 21.25
C LYS B 415 0.51 -13.09 20.97
N LEU B 416 1.48 -13.13 21.89
CA LEU B 416 2.64 -14.01 21.73
C LEU B 416 2.20 -15.46 21.60
N GLU B 417 1.24 -15.89 22.43
CA GLU B 417 0.75 -17.26 22.37
C GLU B 417 0.11 -17.55 21.02
N SER B 418 -0.72 -16.62 20.53
CA SER B 418 -1.35 -16.80 19.22
C SER B 418 -0.33 -16.77 18.09
N MET B 419 0.88 -16.27 18.34
CA MET B 419 1.95 -16.33 17.36
C MET B 419 2.79 -17.60 17.47
N GLY B 420 2.52 -18.43 18.46
CA GLY B 420 3.35 -19.61 18.68
C GLY B 420 4.72 -19.29 19.24
N ILE B 421 4.84 -18.18 19.96
CA ILE B 421 6.10 -17.74 20.56
C ILE B 421 6.00 -17.95 22.06
N LYS B 422 6.94 -18.70 22.62
CA LYS B 422 7.10 -18.82 24.06
C LYS B 422 8.46 -18.30 24.46
N ILE B 423 8.47 -17.40 25.43
CA ILE B 423 9.64 -16.63 25.77
C ILE B 423 10.30 -17.20 27.03
N GLU B 424 11.51 -16.75 27.31
CA GLU B 424 12.20 -17.19 28.51
C GLU B 424 11.47 -16.73 29.76
N GLU B 425 11.53 -17.55 30.80
CA GLU B 425 10.89 -17.26 32.07
C GLU B 425 11.91 -16.76 33.08
N LEU B 426 11.55 -15.70 33.80
CA LEU B 426 12.41 -15.17 34.85
C LEU B 426 12.36 -16.10 36.07
N THR B 427 13.53 -16.64 36.44
CA THR B 427 13.59 -17.58 37.55
C THR B 427 13.49 -16.84 38.88
N GLU B 428 13.22 -17.61 39.94
CA GLU B 428 13.15 -17.04 41.28
C GLU B 428 14.51 -16.50 41.71
N GLU B 429 15.59 -17.22 41.40
CA GLU B 429 16.93 -16.74 41.73
C GLU B 429 17.22 -15.42 41.02
N GLN B 430 16.80 -15.30 39.76
CA GLN B 430 17.05 -14.07 39.02
C GLN B 430 16.23 -12.90 39.57
N LYS B 431 15.00 -13.16 40.00
CA LYS B 431 14.19 -12.10 40.59
C LYS B 431 14.81 -11.59 41.89
N LYS B 432 15.36 -12.50 42.70
CA LYS B 432 15.98 -12.09 43.96
C LYS B 432 17.28 -11.34 43.71
N TYR B 433 18.04 -11.74 42.70
CA TYR B 433 19.24 -10.99 42.33
C TYR B 433 18.91 -9.56 41.96
N LEU B 434 17.83 -9.36 41.20
CA LEU B 434 17.44 -8.03 40.77
C LEU B 434 16.94 -7.16 41.92
N GLU B 435 16.65 -7.74 43.08
CA GLU B 435 16.24 -6.97 44.25
C GLU B 435 17.31 -6.99 45.35
N SER B 436 18.56 -7.22 44.98
CA SER B 436 19.68 -7.23 45.91
C SER B 436 20.67 -6.14 45.55
N TRP B 437 21.59 -5.87 46.47
CA TRP B 437 22.63 -4.88 46.28
C TRP B 437 24.01 -5.34 46.71
N GLU B 438 24.12 -6.41 47.50
CA GLU B 438 25.39 -6.82 48.07
C GLU B 438 26.30 -7.51 47.07
N HIS B 439 25.75 -8.02 45.96
CA HIS B 439 26.52 -8.82 45.01
C HIS B 439 27.06 -7.90 43.92
N GLY B 440 28.28 -7.44 44.10
CA GLY B 440 28.97 -6.64 43.10
C GLY B 440 30.17 -7.37 42.53
N THR B 441 31.28 -6.63 42.37
CA THR B 441 32.61 -7.08 41.90
C THR B 441 32.73 -6.76 40.40
#